data_1KOC
# 
_entry.id   1KOC 
# 
_audit_conform.dict_name       mmcif_pdbx.dic 
_audit_conform.dict_version    5.392 
_audit_conform.dict_location   http://mmcif.pdb.org/dictionaries/ascii/mmcif_pdbx.dic 
# 
loop_
_database_2.database_id 
_database_2.database_code 
_database_2.pdbx_database_accession 
_database_2.pdbx_DOI 
PDB   1KOC         pdb_00001koc 10.2210/pdb1koc/pdb 
WWPDB D_1000174467 ?            ?                   
# 
loop_
_pdbx_audit_revision_history.ordinal 
_pdbx_audit_revision_history.data_content_type 
_pdbx_audit_revision_history.major_revision 
_pdbx_audit_revision_history.minor_revision 
_pdbx_audit_revision_history.revision_date 
1 'Structure model' 1 0 1996-08-17 
2 'Structure model' 1 1 2008-03-24 
3 'Structure model' 1 2 2011-07-13 
4 'Structure model' 1 3 2022-02-23 
5 'Structure model' 1 4 2024-05-22 
# 
_pdbx_audit_revision_details.ordinal             1 
_pdbx_audit_revision_details.revision_ordinal    1 
_pdbx_audit_revision_details.data_content_type   'Structure model' 
_pdbx_audit_revision_details.provider            repository 
_pdbx_audit_revision_details.type                'Initial release' 
_pdbx_audit_revision_details.description         ? 
_pdbx_audit_revision_details.details             ? 
# 
loop_
_pdbx_audit_revision_group.ordinal 
_pdbx_audit_revision_group.revision_ordinal 
_pdbx_audit_revision_group.data_content_type 
_pdbx_audit_revision_group.group 
1 2 'Structure model' 'Version format compliance' 
2 3 'Structure model' 'Version format compliance' 
3 4 'Structure model' 'Database references'       
4 4 'Structure model' 'Derived calculations'      
5 4 'Structure model' Other                       
6 5 'Structure model' 'Data collection'           
# 
loop_
_pdbx_audit_revision_category.ordinal 
_pdbx_audit_revision_category.revision_ordinal 
_pdbx_audit_revision_category.data_content_type 
_pdbx_audit_revision_category.category 
1 4 'Structure model' database_2            
2 4 'Structure model' pdbx_database_status  
3 4 'Structure model' pdbx_struct_assembly  
4 4 'Structure model' pdbx_struct_oper_list 
5 4 'Structure model' struct_site           
6 5 'Structure model' chem_comp_atom        
7 5 'Structure model' chem_comp_bond        
# 
loop_
_pdbx_audit_revision_item.ordinal 
_pdbx_audit_revision_item.revision_ordinal 
_pdbx_audit_revision_item.data_content_type 
_pdbx_audit_revision_item.item 
1 4 'Structure model' '_database_2.pdbx_DOI'                
2 4 'Structure model' '_database_2.pdbx_database_accession' 
3 4 'Structure model' '_pdbx_database_status.process_site'  
4 4 'Structure model' '_struct_site.pdbx_auth_asym_id'      
5 4 'Structure model' '_struct_site.pdbx_auth_comp_id'      
6 4 'Structure model' '_struct_site.pdbx_auth_seq_id'       
# 
_pdbx_database_status.status_code                     REL 
_pdbx_database_status.entry_id                        1KOC 
_pdbx_database_status.recvd_initial_deposition_date   1996-03-28 
_pdbx_database_status.deposit_site                    ? 
_pdbx_database_status.process_site                    BNL 
_pdbx_database_status.SG_entry                        . 
_pdbx_database_status.pdb_format_compatible           Y 
_pdbx_database_status.status_code_mr                  ? 
_pdbx_database_status.status_code_sf                  ? 
_pdbx_database_status.status_code_cs                  ? 
_pdbx_database_status.status_code_nmr_data            ? 
_pdbx_database_status.methods_development_category    ? 
# 
_pdbx_database_related.db_name        PDB 
_pdbx_database_related.db_id          1KOD 
_pdbx_database_related.details        '1 STRUCTURE' 
_pdbx_database_related.content_type   unspecified 
# 
loop_
_audit_author.name 
_audit_author.pdbx_ordinal 
'Yang, Y.S.'      1 
'Kochoyan, M.'    2 
'Burgstaller, P.' 3 
'Westhof, E.'     4 
'Famulok, M.'     5 
# 
loop_
_citation.id 
_citation.title 
_citation.journal_abbrev 
_citation.journal_volume 
_citation.page_first 
_citation.page_last 
_citation.year 
_citation.journal_id_ASTM 
_citation.country 
_citation.journal_id_ISSN 
_citation.journal_id_CSD 
_citation.book_publisher 
_citation.pdbx_database_id_PubMed 
_citation.pdbx_database_id_DOI 
primary 'Structural basis of ligand discrimination by two related RNA aptamers resolved by NMR spectroscopy.' Science              
272 1343 1347 1996 SCIEAS US 0036-8075 0038 ? 8650546 ? 
1       
;Structural Probing and Damage Selection of Citrulline-and Arginine-Specific RNA Aptamers Identify Base Positions Required for Binding
;
'Nucleic Acids Res.' 23  4769 ?    1995 NARHAD UK 0305-1048 0389 ? ?       ? 
# 
loop_
_citation_author.citation_id 
_citation_author.name 
_citation_author.ordinal 
_citation_author.identifier_ORCID 
primary 'Yang, Y.'        1 ? 
primary 'Kochoyan, M.'    2 ? 
primary 'Burgstaller, P.' 3 ? 
primary 'Westhof, E.'     4 ? 
primary 'Famulok, M.'     5 ? 
1       'Burgstaller, P.' 6 ? 
1       'Kochoyan, M.'    7 ? 
1       'Famulok, M.'     8 ? 
# 
loop_
_entity.id 
_entity.type 
_entity.src_method 
_entity.pdbx_description 
_entity.formula_weight 
_entity.pdbx_number_of_molecules 
_entity.pdbx_ec 
_entity.pdbx_mutation 
_entity.pdbx_fragment 
_entity.details 
1 polymer     syn 
;RNA (5'-R(P*AP*GP*AP*AP*GP*GP*AP*GP*CP*GP*U)-3')
;
3609.242 1 ? ? ? ? 
2 polymer     syn 
;RNA (5'-R(P*AP*CP*AP*GP*GP*UP*AP*GP*GP*UP*CP*GP*CP*U)-3')
;
4502.731 1 ? ? ? ? 
3 non-polymer syn ARGININE                                                    175.209  1 ? ? ? ? 
# 
loop_
_entity_poly.entity_id 
_entity_poly.type 
_entity_poly.nstd_linkage 
_entity_poly.nstd_monomer 
_entity_poly.pdbx_seq_one_letter_code 
_entity_poly.pdbx_seq_one_letter_code_can 
_entity_poly.pdbx_strand_id 
_entity_poly.pdbx_target_identifier 
1 polyribonucleotide no no AGAAGGAGCGU    AGAAGGAGCGU    A ? 
2 polyribonucleotide no no ACAGGUAGGUCGCU ACAGGUAGGUCGCU B ? 
# 
_pdbx_entity_nonpoly.entity_id   3 
_pdbx_entity_nonpoly.name        ARGININE 
_pdbx_entity_nonpoly.comp_id     ARG 
# 
loop_
_entity_poly_seq.entity_id 
_entity_poly_seq.num 
_entity_poly_seq.mon_id 
_entity_poly_seq.hetero 
1 1  A n 
1 2  G n 
1 3  A n 
1 4  A n 
1 5  G n 
1 6  G n 
1 7  A n 
1 8  G n 
1 9  C n 
1 10 G n 
1 11 U n 
2 1  A n 
2 2  C n 
2 3  A n 
2 4  G n 
2 5  G n 
2 6  U n 
2 7  A n 
2 8  G n 
2 9  G n 
2 10 U n 
2 11 C n 
2 12 G n 
2 13 C n 
2 14 U n 
# 
loop_
_chem_comp.id 
_chem_comp.type 
_chem_comp.mon_nstd_flag 
_chem_comp.name 
_chem_comp.pdbx_synonyms 
_chem_comp.formula 
_chem_comp.formula_weight 
A   'RNA linking'       y "ADENOSINE-5'-MONOPHOSPHATE" ? 'C10 H14 N5 O7 P' 347.221 
ARG 'L-peptide linking' y ARGININE                     ? 'C6 H15 N4 O2 1'  175.209 
C   'RNA linking'       y "CYTIDINE-5'-MONOPHOSPHATE"  ? 'C9 H14 N3 O8 P'  323.197 
G   'RNA linking'       y "GUANOSINE-5'-MONOPHOSPHATE" ? 'C10 H14 N5 O8 P' 363.221 
U   'RNA linking'       y "URIDINE-5'-MONOPHOSPHATE"   ? 'C9 H13 N2 O9 P'  324.181 
# 
loop_
_pdbx_poly_seq_scheme.asym_id 
_pdbx_poly_seq_scheme.entity_id 
_pdbx_poly_seq_scheme.seq_id 
_pdbx_poly_seq_scheme.mon_id 
_pdbx_poly_seq_scheme.ndb_seq_num 
_pdbx_poly_seq_scheme.pdb_seq_num 
_pdbx_poly_seq_scheme.auth_seq_num 
_pdbx_poly_seq_scheme.pdb_mon_id 
_pdbx_poly_seq_scheme.auth_mon_id 
_pdbx_poly_seq_scheme.pdb_strand_id 
_pdbx_poly_seq_scheme.pdb_ins_code 
_pdbx_poly_seq_scheme.hetero 
A 1 1  A 1  5  5  A A A . n 
A 1 2  G 2  6  6  G G A . n 
A 1 3  A 3  7  7  A A A . n 
A 1 4  A 4  8  8  A A A . n 
A 1 5  G 5  9  9  G G A . n 
A 1 6  G 6  10 10 G G A . n 
A 1 7  A 7  11 11 A A A . n 
A 1 8  G 8  12 12 G G A . n 
A 1 9  C 9  13 13 C C A . n 
A 1 10 G 10 14 14 G G A . n 
A 1 11 U 11 15 15 U U A . n 
B 2 1  A 1  27 27 A A B . n 
B 2 2  C 2  28 28 C C B . n 
B 2 3  A 3  29 29 A A B . n 
B 2 4  G 4  30 30 G G B . n 
B 2 5  G 5  31 31 G G B . n 
B 2 6  U 6  32 32 U U B . n 
B 2 7  A 7  33 33 A A B . n 
B 2 8  G 8  34 34 G G B . n 
B 2 9  G 9  35 35 G G B . n 
B 2 10 U 10 36 36 U U B . n 
B 2 11 C 11 37 37 C C B . n 
B 2 12 G 12 38 38 G G B . n 
B 2 13 C 13 39 39 C C B . n 
B 2 14 U 14 40 40 U U B . n 
# 
_pdbx_nonpoly_scheme.asym_id         C 
_pdbx_nonpoly_scheme.entity_id       3 
_pdbx_nonpoly_scheme.mon_id          ARG 
_pdbx_nonpoly_scheme.ndb_seq_num     1 
_pdbx_nonpoly_scheme.pdb_seq_num     1 
_pdbx_nonpoly_scheme.auth_seq_num    1 
_pdbx_nonpoly_scheme.pdb_mon_id      ARG 
_pdbx_nonpoly_scheme.auth_mon_id     ARG 
_pdbx_nonpoly_scheme.pdb_strand_id   B 
_pdbx_nonpoly_scheme.pdb_ins_code    . 
# 
loop_
_software.name 
_software.classification 
_software.version 
_software.citation_id 
_software.pdbx_ordinal 
X-PLOR 'model building' 3.1 ? 1 
X-PLOR refinement       3.1 ? 2 
X-PLOR phasing          3.1 ? 3 
# 
_cell.entry_id           1KOC 
_cell.length_a           1.000 
_cell.length_b           1.000 
_cell.length_c           1.000 
_cell.angle_alpha        90.00 
_cell.angle_beta         90.00 
_cell.angle_gamma        90.00 
_cell.Z_PDB              1 
_cell.pdbx_unique_axis   ? 
# 
_symmetry.entry_id                         1KOC 
_symmetry.space_group_name_H-M             'P 1' 
_symmetry.pdbx_full_space_group_name_H-M   ? 
_symmetry.cell_setting                     ? 
_symmetry.Int_Tables_number                1 
# 
_exptl.entry_id          1KOC 
_exptl.method            'SOLUTION NMR' 
_exptl.crystals_number   ? 
# 
_struct.entry_id                  1KOC 
_struct.title                     'RNA APTAMER COMPLEXED WITH ARGININE, NMR' 
_struct.pdbx_model_details        ? 
_struct.pdbx_CASP_flag            ? 
_struct.pdbx_model_type_details   ? 
# 
_struct_keywords.entry_id        1KOC 
_struct_keywords.pdbx_keywords   RNA 
_struct_keywords.text            'COMPLEX (RNA APTAMER-PEPTIDE), IN VITRO SELECTED RNA, RNA APTAMER, RNA' 
# 
loop_
_struct_asym.id 
_struct_asym.pdbx_blank_PDB_chainid_flag 
_struct_asym.pdbx_modified 
_struct_asym.entity_id 
_struct_asym.details 
A N N 1 ? 
B N N 2 ? 
C N N 3 ? 
# 
loop_
_struct_ref.id 
_struct_ref.entity_id 
_struct_ref.db_name 
_struct_ref.db_code 
_struct_ref.pdbx_db_accession 
_struct_ref.pdbx_db_isoform 
_struct_ref.pdbx_seq_one_letter_code 
_struct_ref.pdbx_align_begin 
1 1 PDB 1KOC 1KOC ? ? ? 
2 2 PDB 1KOC 1KOC ? ? ? 
# 
loop_
_struct_ref_seq.align_id 
_struct_ref_seq.ref_id 
_struct_ref_seq.pdbx_PDB_id_code 
_struct_ref_seq.pdbx_strand_id 
_struct_ref_seq.seq_align_beg 
_struct_ref_seq.pdbx_seq_align_beg_ins_code 
_struct_ref_seq.seq_align_end 
_struct_ref_seq.pdbx_seq_align_end_ins_code 
_struct_ref_seq.pdbx_db_accession 
_struct_ref_seq.db_align_beg 
_struct_ref_seq.pdbx_db_align_beg_ins_code 
_struct_ref_seq.db_align_end 
_struct_ref_seq.pdbx_db_align_end_ins_code 
_struct_ref_seq.pdbx_auth_seq_align_beg 
_struct_ref_seq.pdbx_auth_seq_align_end 
1 1 1KOC A 1 ? 11 ? 1KOC 5  ? 15 ? 5  15 
2 2 1KOC B 1 ? 14 ? 1KOC 27 ? 40 ? 27 40 
# 
_pdbx_struct_assembly.id                   1 
_pdbx_struct_assembly.details              author_defined_assembly 
_pdbx_struct_assembly.method_details       ? 
_pdbx_struct_assembly.oligomeric_details   dimeric 
_pdbx_struct_assembly.oligomeric_count     2 
# 
_pdbx_struct_assembly_gen.assembly_id       1 
_pdbx_struct_assembly_gen.oper_expression   1 
_pdbx_struct_assembly_gen.asym_id_list      A,B,C 
# 
_pdbx_struct_oper_list.id                   1 
_pdbx_struct_oper_list.type                 'identity operation' 
_pdbx_struct_oper_list.name                 1_555 
_pdbx_struct_oper_list.symmetry_operation   x,y,z 
_pdbx_struct_oper_list.matrix[1][1]         1.0000000000 
_pdbx_struct_oper_list.matrix[1][2]         0.0000000000 
_pdbx_struct_oper_list.matrix[1][3]         0.0000000000 
_pdbx_struct_oper_list.vector[1]            0.0000000000 
_pdbx_struct_oper_list.matrix[2][1]         0.0000000000 
_pdbx_struct_oper_list.matrix[2][2]         1.0000000000 
_pdbx_struct_oper_list.matrix[2][3]         0.0000000000 
_pdbx_struct_oper_list.vector[2]            0.0000000000 
_pdbx_struct_oper_list.matrix[3][1]         0.0000000000 
_pdbx_struct_oper_list.matrix[3][2]         0.0000000000 
_pdbx_struct_oper_list.matrix[3][3]         1.0000000000 
_pdbx_struct_oper_list.vector[3]            0.0000000000 
# 
_struct_biol.id   1 
# 
loop_
_struct_conn.id 
_struct_conn.conn_type_id 
_struct_conn.pdbx_leaving_atom_flag 
_struct_conn.pdbx_PDB_id 
_struct_conn.ptnr1_label_asym_id 
_struct_conn.ptnr1_label_comp_id 
_struct_conn.ptnr1_label_seq_id 
_struct_conn.ptnr1_label_atom_id 
_struct_conn.pdbx_ptnr1_label_alt_id 
_struct_conn.pdbx_ptnr1_PDB_ins_code 
_struct_conn.pdbx_ptnr1_standard_comp_id 
_struct_conn.ptnr1_symmetry 
_struct_conn.ptnr2_label_asym_id 
_struct_conn.ptnr2_label_comp_id 
_struct_conn.ptnr2_label_seq_id 
_struct_conn.ptnr2_label_atom_id 
_struct_conn.pdbx_ptnr2_label_alt_id 
_struct_conn.pdbx_ptnr2_PDB_ins_code 
_struct_conn.ptnr1_auth_asym_id 
_struct_conn.ptnr1_auth_comp_id 
_struct_conn.ptnr1_auth_seq_id 
_struct_conn.ptnr2_auth_asym_id 
_struct_conn.ptnr2_auth_comp_id 
_struct_conn.ptnr2_auth_seq_id 
_struct_conn.ptnr2_symmetry 
_struct_conn.pdbx_ptnr3_label_atom_id 
_struct_conn.pdbx_ptnr3_label_seq_id 
_struct_conn.pdbx_ptnr3_label_comp_id 
_struct_conn.pdbx_ptnr3_label_asym_id 
_struct_conn.pdbx_ptnr3_label_alt_id 
_struct_conn.pdbx_ptnr3_PDB_ins_code 
_struct_conn.details 
_struct_conn.pdbx_dist_value 
_struct_conn.pdbx_value_order 
_struct_conn.pdbx_role 
hydrog1  hydrog ? ? A A 1  N1 ? ? ? 1_555 B U 14 N3 ? ? A A 5  B U 40 1_555 ? ? ? ? ? ? 'A-U PAIR'    ? ? ? 
hydrog2  hydrog ? ? A G 2  N1 ? ? ? 1_555 B C 13 N3 ? ? A G 6  B C 39 1_555 ? ? ? ? ? ? WATSON-CRICK  ? ? ? 
hydrog3  hydrog ? ? A G 2  N2 ? ? ? 1_555 B C 13 O2 ? ? A G 6  B C 39 1_555 ? ? ? ? ? ? WATSON-CRICK  ? ? ? 
hydrog4  hydrog ? ? A G 2  O6 ? ? ? 1_555 B C 13 N4 ? ? A G 6  B C 39 1_555 ? ? ? ? ? ? WATSON-CRICK  ? ? ? 
hydrog5  hydrog ? ? A A 3  N1 ? ? ? 1_555 B G 12 N1 ? ? A A 7  B G 38 1_555 ? ? ? ? ? ? TYPE_8_PAIR   ? ? ? 
hydrog6  hydrog ? ? A A 3  N6 ? ? ? 1_555 B G 12 O6 ? ? A A 7  B G 38 1_555 ? ? ? ? ? ? TYPE_8_PAIR   ? ? ? 
hydrog7  hydrog ? ? A A 3  N6 ? ? ? 1_555 B C 13 N3 ? ? A A 7  B C 39 1_555 ? ? ? ? ? ? 'A-C MISPAIR' ? ? ? 
hydrog8  hydrog ? ? A G 5  O6 ? ? ? 1_555 A C 9  N4 ? ? A G 9  A C 13 1_555 ? ? ? ? ? ? 'G-C PAIR'    ? ? ? 
hydrog9  hydrog ? ? A G 6  N1 ? ? ? 1_555 B C 11 O2 ? ? A G 10 B C 37 1_555 ? ? ? ? ? ? 'G-C PAIR'    ? ? ? 
hydrog10 hydrog ? ? A G 6  N1 ? ? ? 1_555 B G 12 N3 ? ? A G 10 B G 38 1_555 ? ? ? ? ? ? 'G-G MISPAIR' ? ? ? 
hydrog11 hydrog ? ? A A 7  N1 ? ? ? 1_555 B U 10 N3 ? ? A A 11 B U 36 1_555 ? ? ? ? ? ? 'A-U PAIR'    ? ? ? 
hydrog12 hydrog ? ? A G 8  N1 ? ? ? 1_555 B G 9  O6 ? ? A G 12 B G 35 1_555 ? ? ? ? ? ? TYPE_6_PAIR   ? ? ? 
hydrog13 hydrog ? ? A G 8  N2 ? ? ? 1_555 B G 9  N7 ? ? A G 12 B G 35 1_555 ? ? ? ? ? ? TYPE_6_PAIR   ? ? ? 
hydrog14 hydrog ? ? A C 9  N4 ? ? ? 1_555 B A 3  N1 ? ? A C 13 B A 29 1_555 ? ? ? ? ? ? 'C-A MISPAIR' ? ? ? 
hydrog15 hydrog ? ? A G 10 N1 ? ? ? 1_555 B C 2  N3 ? ? A G 14 B C 28 1_555 ? ? ? ? ? ? 'G-C PAIR'    ? ? ? 
hydrog16 hydrog ? ? B G 8  N1 ? ? ? 1_555 B G 12 O6 ? ? B G 34 B G 38 1_555 ? ? ? ? ? ? 'G-G MISPAIR' ? ? ? 
# 
_struct_conn_type.id          hydrog 
_struct_conn_type.criteria    ? 
_struct_conn_type.reference   ? 
# 
_struct_site.id                   AC1 
_struct_site.pdbx_evidence_code   Software 
_struct_site.pdbx_auth_asym_id    B 
_struct_site.pdbx_auth_comp_id    ARG 
_struct_site.pdbx_auth_seq_id     1 
_struct_site.pdbx_auth_ins_code   ? 
_struct_site.pdbx_num_residues    6 
_struct_site.details              'BINDING SITE FOR RESIDUE ARG B 1' 
# 
loop_
_struct_site_gen.id 
_struct_site_gen.site_id 
_struct_site_gen.pdbx_num_res 
_struct_site_gen.label_comp_id 
_struct_site_gen.label_asym_id 
_struct_site_gen.label_seq_id 
_struct_site_gen.pdbx_auth_ins_code 
_struct_site_gen.auth_comp_id 
_struct_site_gen.auth_asym_id 
_struct_site_gen.auth_seq_id 
_struct_site_gen.label_atom_id 
_struct_site_gen.label_alt_id 
_struct_site_gen.symmetry 
_struct_site_gen.details 
1 AC1 6 G A 8 ? G A 12 . ? 1_555 ? 
2 AC1 6 C A 9 ? C A 13 . ? 1_555 ? 
3 AC1 6 G B 4 ? G B 30 . ? 1_555 ? 
4 AC1 6 G B 5 ? G B 31 . ? 1_555 ? 
5 AC1 6 A B 7 ? A B 33 . ? 1_555 ? 
6 AC1 6 G B 9 ? G B 35 . ? 1_555 ? 
# 
loop_
_pdbx_validate_rmsd_bond.id 
_pdbx_validate_rmsd_bond.PDB_model_num 
_pdbx_validate_rmsd_bond.auth_atom_id_1 
_pdbx_validate_rmsd_bond.auth_asym_id_1 
_pdbx_validate_rmsd_bond.auth_comp_id_1 
_pdbx_validate_rmsd_bond.auth_seq_id_1 
_pdbx_validate_rmsd_bond.PDB_ins_code_1 
_pdbx_validate_rmsd_bond.label_alt_id_1 
_pdbx_validate_rmsd_bond.auth_atom_id_2 
_pdbx_validate_rmsd_bond.auth_asym_id_2 
_pdbx_validate_rmsd_bond.auth_comp_id_2 
_pdbx_validate_rmsd_bond.auth_seq_id_2 
_pdbx_validate_rmsd_bond.PDB_ins_code_2 
_pdbx_validate_rmsd_bond.label_alt_id_2 
_pdbx_validate_rmsd_bond.bond_value 
_pdbx_validate_rmsd_bond.bond_target_value 
_pdbx_validate_rmsd_bond.bond_deviation 
_pdbx_validate_rmsd_bond.bond_standard_deviation 
_pdbx_validate_rmsd_bond.linker_flag 
1 1 C8 B G 31 ? ? N9 B G 31 ? ? 1.331 1.374 -0.043 0.007 N 
2 1 N7 B G 35 ? ? C8 B G 35 ? ? 1.267 1.305 -0.038 0.006 N 
# 
loop_
_pdbx_validate_rmsd_angle.id 
_pdbx_validate_rmsd_angle.PDB_model_num 
_pdbx_validate_rmsd_angle.auth_atom_id_1 
_pdbx_validate_rmsd_angle.auth_asym_id_1 
_pdbx_validate_rmsd_angle.auth_comp_id_1 
_pdbx_validate_rmsd_angle.auth_seq_id_1 
_pdbx_validate_rmsd_angle.PDB_ins_code_1 
_pdbx_validate_rmsd_angle.label_alt_id_1 
_pdbx_validate_rmsd_angle.auth_atom_id_2 
_pdbx_validate_rmsd_angle.auth_asym_id_2 
_pdbx_validate_rmsd_angle.auth_comp_id_2 
_pdbx_validate_rmsd_angle.auth_seq_id_2 
_pdbx_validate_rmsd_angle.PDB_ins_code_2 
_pdbx_validate_rmsd_angle.label_alt_id_2 
_pdbx_validate_rmsd_angle.auth_atom_id_3 
_pdbx_validate_rmsd_angle.auth_asym_id_3 
_pdbx_validate_rmsd_angle.auth_comp_id_3 
_pdbx_validate_rmsd_angle.auth_seq_id_3 
_pdbx_validate_rmsd_angle.PDB_ins_code_3 
_pdbx_validate_rmsd_angle.label_alt_id_3 
_pdbx_validate_rmsd_angle.angle_value 
_pdbx_validate_rmsd_angle.angle_target_value 
_pdbx_validate_rmsd_angle.angle_deviation 
_pdbx_validate_rmsd_angle.angle_standard_deviation 
_pdbx_validate_rmsd_angle.linker_flag 
1  1 OP1   A A 5  ? ? P     A A 5  ? ? OP2   A A 5  ? ? 110.33 119.60 -9.27 1.50 N 
2  1 N7    A A 5  ? ? C8    A A 5  ? ? N9    A A 5  ? ? 117.58 113.80 3.78  0.50 N 
3  1 N7    A G 6  ? ? C8    A G 6  ? ? N9    A G 6  ? ? 117.62 113.10 4.52  0.50 N 
4  1 C8    A G 6  ? ? N9    A G 6  ? ? C4    A G 6  ? ? 103.66 106.40 -2.74 0.40 N 
5  1 N7    A A 7  ? ? C8    A A 7  ? ? N9    A A 7  ? ? 117.53 113.80 3.73  0.50 N 
6  1 "C3'" A A 8  ? ? "C2'" A A 8  ? ? "C1'" A A 8  ? ? 106.35 101.50 4.85  0.80 N 
7  1 N7    A A 8  ? ? C8    A A 8  ? ? N9    A A 8  ? ? 117.64 113.80 3.84  0.50 N 
8  1 N7    A G 9  ? ? C8    A G 9  ? ? N9    A G 9  ? ? 117.62 113.10 4.52  0.50 N 
9  1 "O4'" A G 10 ? ? "C1'" A G 10 ? ? N9    A G 10 ? ? 114.13 108.50 5.63  0.70 N 
10 1 N7    A G 10 ? ? C8    A G 10 ? ? N9    A G 10 ? ? 117.23 113.10 4.13  0.50 N 
11 1 C8    A G 10 ? ? N9    A G 10 ? ? C4    A G 10 ? ? 103.87 106.40 -2.53 0.40 N 
12 1 N7    A A 11 ? ? C8    A A 11 ? ? N9    A A 11 ? ? 117.39 113.80 3.59  0.50 N 
13 1 N7    A G 12 ? ? C8    A G 12 ? ? N9    A G 12 ? ? 117.53 113.10 4.43  0.50 N 
14 1 C8    A G 12 ? ? N9    A G 12 ? ? C4    A G 12 ? ? 103.84 106.40 -2.56 0.40 N 
15 1 "C3'" A C 13 ? ? "C2'" A C 13 ? ? "C1'" A C 13 ? ? 106.55 101.50 5.05  0.80 N 
16 1 "C3'" A G 14 ? ? "C2'" A G 14 ? ? "C1'" A G 14 ? ? 106.44 101.50 4.94  0.80 N 
17 1 N7    A G 14 ? ? C8    A G 14 ? ? N9    A G 14 ? ? 117.80 113.10 4.70  0.50 N 
18 1 C8    A G 14 ? ? N9    A G 14 ? ? C4    A G 14 ? ? 103.72 106.40 -2.68 0.40 N 
19 1 "C3'" A U 15 ? ? "C2'" A U 15 ? ? "C1'" A U 15 ? ? 106.30 101.50 4.80  0.80 N 
20 1 OP1   B A 27 ? ? P     B A 27 ? ? OP2   B A 27 ? ? 110.33 119.60 -9.27 1.50 N 
21 1 "C3'" B A 27 ? ? "C2'" B A 27 ? ? "C1'" B A 27 ? ? 106.53 101.50 5.03  0.80 N 
22 1 N7    B A 27 ? ? C8    B A 27 ? ? N9    B A 27 ? ? 117.56 113.80 3.76  0.50 N 
23 1 N7    B A 29 ? ? C8    B A 29 ? ? N9    B A 29 ? ? 117.45 113.80 3.65  0.50 N 
24 1 "C3'" B G 30 ? ? "C2'" B G 30 ? ? "C1'" B G 30 ? ? 106.42 101.50 4.92  0.80 N 
25 1 N7    B G 30 ? ? C8    B G 30 ? ? N9    B G 30 ? ? 117.87 113.10 4.77  0.50 N 
26 1 C8    B G 30 ? ? N9    B G 30 ? ? C4    B G 30 ? ? 103.47 106.40 -2.93 0.40 N 
27 1 C5    B G 31 ? ? N7    B G 31 ? ? C8    B G 31 ? ? 101.29 104.30 -3.01 0.50 N 
28 1 N7    B G 31 ? ? C8    B G 31 ? ? N9    B G 31 ? ? 117.90 113.10 4.80  0.50 N 
29 1 "O4'" B U 32 ? ? "C1'" B U 32 ? ? N1    B U 32 ? ? 113.57 108.50 5.07  0.70 N 
30 1 N7    B A 33 ? ? C8    B A 33 ? ? N9    B A 33 ? ? 117.15 113.80 3.35  0.50 N 
31 1 N7    B G 34 ? ? C8    B G 34 ? ? N9    B G 34 ? ? 117.92 113.10 4.82  0.50 N 
32 1 C8    B G 34 ? ? N9    B G 34 ? ? C4    B G 34 ? ? 103.71 106.40 -2.69 0.40 N 
33 1 "O4'" B G 35 ? ? "C1'" B G 35 ? ? N9    B G 35 ? ? 114.11 108.50 5.61  0.70 N 
34 1 N7    B G 35 ? ? C8    B G 35 ? ? N9    B G 35 ? ? 118.56 113.10 5.46  0.50 N 
35 1 C8    B G 35 ? ? N9    B G 35 ? ? C4    B G 35 ? ? 102.77 106.40 -3.63 0.40 N 
36 1 "O4'" B U 36 ? ? "C1'" B U 36 ? ? N1    B U 36 ? ? 115.88 108.50 7.38  0.70 N 
37 1 "O4'" B C 37 ? ? "C1'" B C 37 ? ? N1    B C 37 ? ? 113.76 108.50 5.26  0.70 N 
38 1 N7    B G 38 ? ? C8    B G 38 ? ? N9    B G 38 ? ? 117.47 113.10 4.37  0.50 N 
39 1 C8    B G 38 ? ? N9    B G 38 ? ? C4    B G 38 ? ? 103.84 106.40 -2.56 0.40 N 
40 1 "C3'" B C 39 ? ? "C2'" B C 39 ? ? "C1'" B C 39 ? ? 106.97 101.50 5.47  0.80 N 
41 1 "C3'" B U 40 ? ? "C2'" B U 40 ? ? "C1'" B U 40 ? ? 106.32 101.50 4.82  0.80 N 
# 
loop_
_pdbx_validate_planes.id 
_pdbx_validate_planes.PDB_model_num 
_pdbx_validate_planes.auth_comp_id 
_pdbx_validate_planes.auth_asym_id 
_pdbx_validate_planes.auth_seq_id 
_pdbx_validate_planes.PDB_ins_code 
_pdbx_validate_planes.label_alt_id 
_pdbx_validate_planes.rmsd 
_pdbx_validate_planes.type 
1 1 G   B 35 ? ? 0.086 'SIDE CHAIN' 
2 1 ARG B 1  ? ? 0.182 'SIDE CHAIN' 
# 
_pdbx_nmr_ensemble.entry_id                             1KOC 
_pdbx_nmr_ensemble.conformers_calculated_total_number   ? 
_pdbx_nmr_ensemble.conformers_submitted_total_number    1 
_pdbx_nmr_ensemble.conformer_selection_criteria         ? 
# 
_pdbx_nmr_software.classification   refinement 
_pdbx_nmr_software.name             NUCLSQ 
_pdbx_nmr_software.version          ? 
_pdbx_nmr_software.authors          WESTHOF,DUMAS,MORAS 
_pdbx_nmr_software.ordinal          1 
# 
loop_
_chem_comp_atom.comp_id 
_chem_comp_atom.atom_id 
_chem_comp_atom.type_symbol 
_chem_comp_atom.pdbx_aromatic_flag 
_chem_comp_atom.pdbx_stereo_config 
_chem_comp_atom.pdbx_ordinal 
A   OP3    O N N 1   
A   P      P N N 2   
A   OP1    O N N 3   
A   OP2    O N N 4   
A   "O5'"  O N N 5   
A   "C5'"  C N N 6   
A   "C4'"  C N R 7   
A   "O4'"  O N N 8   
A   "C3'"  C N S 9   
A   "O3'"  O N N 10  
A   "C2'"  C N R 11  
A   "O2'"  O N N 12  
A   "C1'"  C N R 13  
A   N9     N Y N 14  
A   C8     C Y N 15  
A   N7     N Y N 16  
A   C5     C Y N 17  
A   C6     C Y N 18  
A   N6     N N N 19  
A   N1     N Y N 20  
A   C2     C Y N 21  
A   N3     N Y N 22  
A   C4     C Y N 23  
A   HOP3   H N N 24  
A   HOP2   H N N 25  
A   "H5'"  H N N 26  
A   "H5''" H N N 27  
A   "H4'"  H N N 28  
A   "H3'"  H N N 29  
A   "HO3'" H N N 30  
A   "H2'"  H N N 31  
A   "HO2'" H N N 32  
A   "H1'"  H N N 33  
A   H8     H N N 34  
A   H61    H N N 35  
A   H62    H N N 36  
A   H2     H N N 37  
ARG N      N N N 38  
ARG CA     C N S 39  
ARG C      C N N 40  
ARG O      O N N 41  
ARG CB     C N N 42  
ARG CG     C N N 43  
ARG CD     C N N 44  
ARG NE     N N N 45  
ARG CZ     C N N 46  
ARG NH1    N N N 47  
ARG NH2    N N N 48  
ARG OXT    O N N 49  
ARG H      H N N 50  
ARG H2     H N N 51  
ARG HA     H N N 52  
ARG HB2    H N N 53  
ARG HB3    H N N 54  
ARG HG2    H N N 55  
ARG HG3    H N N 56  
ARG HD2    H N N 57  
ARG HD3    H N N 58  
ARG HE     H N N 59  
ARG HH11   H N N 60  
ARG HH12   H N N 61  
ARG HH21   H N N 62  
ARG HH22   H N N 63  
ARG HXT    H N N 64  
C   OP3    O N N 65  
C   P      P N N 66  
C   OP1    O N N 67  
C   OP2    O N N 68  
C   "O5'"  O N N 69  
C   "C5'"  C N N 70  
C   "C4'"  C N R 71  
C   "O4'"  O N N 72  
C   "C3'"  C N S 73  
C   "O3'"  O N N 74  
C   "C2'"  C N R 75  
C   "O2'"  O N N 76  
C   "C1'"  C N R 77  
C   N1     N N N 78  
C   C2     C N N 79  
C   O2     O N N 80  
C   N3     N N N 81  
C   C4     C N N 82  
C   N4     N N N 83  
C   C5     C N N 84  
C   C6     C N N 85  
C   HOP3   H N N 86  
C   HOP2   H N N 87  
C   "H5'"  H N N 88  
C   "H5''" H N N 89  
C   "H4'"  H N N 90  
C   "H3'"  H N N 91  
C   "HO3'" H N N 92  
C   "H2'"  H N N 93  
C   "HO2'" H N N 94  
C   "H1'"  H N N 95  
C   H41    H N N 96  
C   H42    H N N 97  
C   H5     H N N 98  
C   H6     H N N 99  
G   OP3    O N N 100 
G   P      P N N 101 
G   OP1    O N N 102 
G   OP2    O N N 103 
G   "O5'"  O N N 104 
G   "C5'"  C N N 105 
G   "C4'"  C N R 106 
G   "O4'"  O N N 107 
G   "C3'"  C N S 108 
G   "O3'"  O N N 109 
G   "C2'"  C N R 110 
G   "O2'"  O N N 111 
G   "C1'"  C N R 112 
G   N9     N Y N 113 
G   C8     C Y N 114 
G   N7     N Y N 115 
G   C5     C Y N 116 
G   C6     C N N 117 
G   O6     O N N 118 
G   N1     N N N 119 
G   C2     C N N 120 
G   N2     N N N 121 
G   N3     N N N 122 
G   C4     C Y N 123 
G   HOP3   H N N 124 
G   HOP2   H N N 125 
G   "H5'"  H N N 126 
G   "H5''" H N N 127 
G   "H4'"  H N N 128 
G   "H3'"  H N N 129 
G   "HO3'" H N N 130 
G   "H2'"  H N N 131 
G   "HO2'" H N N 132 
G   "H1'"  H N N 133 
G   H8     H N N 134 
G   H1     H N N 135 
G   H21    H N N 136 
G   H22    H N N 137 
U   OP3    O N N 138 
U   P      P N N 139 
U   OP1    O N N 140 
U   OP2    O N N 141 
U   "O5'"  O N N 142 
U   "C5'"  C N N 143 
U   "C4'"  C N R 144 
U   "O4'"  O N N 145 
U   "C3'"  C N S 146 
U   "O3'"  O N N 147 
U   "C2'"  C N R 148 
U   "O2'"  O N N 149 
U   "C1'"  C N R 150 
U   N1     N N N 151 
U   C2     C N N 152 
U   O2     O N N 153 
U   N3     N N N 154 
U   C4     C N N 155 
U   O4     O N N 156 
U   C5     C N N 157 
U   C6     C N N 158 
U   HOP3   H N N 159 
U   HOP2   H N N 160 
U   "H5'"  H N N 161 
U   "H5''" H N N 162 
U   "H4'"  H N N 163 
U   "H3'"  H N N 164 
U   "HO3'" H N N 165 
U   "H2'"  H N N 166 
U   "HO2'" H N N 167 
U   "H1'"  H N N 168 
U   H3     H N N 169 
U   H5     H N N 170 
U   H6     H N N 171 
# 
loop_
_chem_comp_bond.comp_id 
_chem_comp_bond.atom_id_1 
_chem_comp_bond.atom_id_2 
_chem_comp_bond.value_order 
_chem_comp_bond.pdbx_aromatic_flag 
_chem_comp_bond.pdbx_stereo_config 
_chem_comp_bond.pdbx_ordinal 
A   OP3   P      sing N N 1   
A   OP3   HOP3   sing N N 2   
A   P     OP1    doub N N 3   
A   P     OP2    sing N N 4   
A   P     "O5'"  sing N N 5   
A   OP2   HOP2   sing N N 6   
A   "O5'" "C5'"  sing N N 7   
A   "C5'" "C4'"  sing N N 8   
A   "C5'" "H5'"  sing N N 9   
A   "C5'" "H5''" sing N N 10  
A   "C4'" "O4'"  sing N N 11  
A   "C4'" "C3'"  sing N N 12  
A   "C4'" "H4'"  sing N N 13  
A   "O4'" "C1'"  sing N N 14  
A   "C3'" "O3'"  sing N N 15  
A   "C3'" "C2'"  sing N N 16  
A   "C3'" "H3'"  sing N N 17  
A   "O3'" "HO3'" sing N N 18  
A   "C2'" "O2'"  sing N N 19  
A   "C2'" "C1'"  sing N N 20  
A   "C2'" "H2'"  sing N N 21  
A   "O2'" "HO2'" sing N N 22  
A   "C1'" N9     sing N N 23  
A   "C1'" "H1'"  sing N N 24  
A   N9    C8     sing Y N 25  
A   N9    C4     sing Y N 26  
A   C8    N7     doub Y N 27  
A   C8    H8     sing N N 28  
A   N7    C5     sing Y N 29  
A   C5    C6     sing Y N 30  
A   C5    C4     doub Y N 31  
A   C6    N6     sing N N 32  
A   C6    N1     doub Y N 33  
A   N6    H61    sing N N 34  
A   N6    H62    sing N N 35  
A   N1    C2     sing Y N 36  
A   C2    N3     doub Y N 37  
A   C2    H2     sing N N 38  
A   N3    C4     sing Y N 39  
ARG N     CA     sing N N 40  
ARG N     H      sing N N 41  
ARG N     H2     sing N N 42  
ARG CA    C      sing N N 43  
ARG CA    CB     sing N N 44  
ARG CA    HA     sing N N 45  
ARG C     O      doub N N 46  
ARG C     OXT    sing N N 47  
ARG CB    CG     sing N N 48  
ARG CB    HB2    sing N N 49  
ARG CB    HB3    sing N N 50  
ARG CG    CD     sing N N 51  
ARG CG    HG2    sing N N 52  
ARG CG    HG3    sing N N 53  
ARG CD    NE     sing N N 54  
ARG CD    HD2    sing N N 55  
ARG CD    HD3    sing N N 56  
ARG NE    CZ     sing N N 57  
ARG NE    HE     sing N N 58  
ARG CZ    NH1    sing N N 59  
ARG CZ    NH2    doub N N 60  
ARG NH1   HH11   sing N N 61  
ARG NH1   HH12   sing N N 62  
ARG NH2   HH21   sing N N 63  
ARG NH2   HH22   sing N N 64  
ARG OXT   HXT    sing N N 65  
C   OP3   P      sing N N 66  
C   OP3   HOP3   sing N N 67  
C   P     OP1    doub N N 68  
C   P     OP2    sing N N 69  
C   P     "O5'"  sing N N 70  
C   OP2   HOP2   sing N N 71  
C   "O5'" "C5'"  sing N N 72  
C   "C5'" "C4'"  sing N N 73  
C   "C5'" "H5'"  sing N N 74  
C   "C5'" "H5''" sing N N 75  
C   "C4'" "O4'"  sing N N 76  
C   "C4'" "C3'"  sing N N 77  
C   "C4'" "H4'"  sing N N 78  
C   "O4'" "C1'"  sing N N 79  
C   "C3'" "O3'"  sing N N 80  
C   "C3'" "C2'"  sing N N 81  
C   "C3'" "H3'"  sing N N 82  
C   "O3'" "HO3'" sing N N 83  
C   "C2'" "O2'"  sing N N 84  
C   "C2'" "C1'"  sing N N 85  
C   "C2'" "H2'"  sing N N 86  
C   "O2'" "HO2'" sing N N 87  
C   "C1'" N1     sing N N 88  
C   "C1'" "H1'"  sing N N 89  
C   N1    C2     sing N N 90  
C   N1    C6     sing N N 91  
C   C2    O2     doub N N 92  
C   C2    N3     sing N N 93  
C   N3    C4     doub N N 94  
C   C4    N4     sing N N 95  
C   C4    C5     sing N N 96  
C   N4    H41    sing N N 97  
C   N4    H42    sing N N 98  
C   C5    C6     doub N N 99  
C   C5    H5     sing N N 100 
C   C6    H6     sing N N 101 
G   OP3   P      sing N N 102 
G   OP3   HOP3   sing N N 103 
G   P     OP1    doub N N 104 
G   P     OP2    sing N N 105 
G   P     "O5'"  sing N N 106 
G   OP2   HOP2   sing N N 107 
G   "O5'" "C5'"  sing N N 108 
G   "C5'" "C4'"  sing N N 109 
G   "C5'" "H5'"  sing N N 110 
G   "C5'" "H5''" sing N N 111 
G   "C4'" "O4'"  sing N N 112 
G   "C4'" "C3'"  sing N N 113 
G   "C4'" "H4'"  sing N N 114 
G   "O4'" "C1'"  sing N N 115 
G   "C3'" "O3'"  sing N N 116 
G   "C3'" "C2'"  sing N N 117 
G   "C3'" "H3'"  sing N N 118 
G   "O3'" "HO3'" sing N N 119 
G   "C2'" "O2'"  sing N N 120 
G   "C2'" "C1'"  sing N N 121 
G   "C2'" "H2'"  sing N N 122 
G   "O2'" "HO2'" sing N N 123 
G   "C1'" N9     sing N N 124 
G   "C1'" "H1'"  sing N N 125 
G   N9    C8     sing Y N 126 
G   N9    C4     sing Y N 127 
G   C8    N7     doub Y N 128 
G   C8    H8     sing N N 129 
G   N7    C5     sing Y N 130 
G   C5    C6     sing N N 131 
G   C5    C4     doub Y N 132 
G   C6    O6     doub N N 133 
G   C6    N1     sing N N 134 
G   N1    C2     sing N N 135 
G   N1    H1     sing N N 136 
G   C2    N2     sing N N 137 
G   C2    N3     doub N N 138 
G   N2    H21    sing N N 139 
G   N2    H22    sing N N 140 
G   N3    C4     sing N N 141 
U   OP3   P      sing N N 142 
U   OP3   HOP3   sing N N 143 
U   P     OP1    doub N N 144 
U   P     OP2    sing N N 145 
U   P     "O5'"  sing N N 146 
U   OP2   HOP2   sing N N 147 
U   "O5'" "C5'"  sing N N 148 
U   "C5'" "C4'"  sing N N 149 
U   "C5'" "H5'"  sing N N 150 
U   "C5'" "H5''" sing N N 151 
U   "C4'" "O4'"  sing N N 152 
U   "C4'" "C3'"  sing N N 153 
U   "C4'" "H4'"  sing N N 154 
U   "O4'" "C1'"  sing N N 155 
U   "C3'" "O3'"  sing N N 156 
U   "C3'" "C2'"  sing N N 157 
U   "C3'" "H3'"  sing N N 158 
U   "O3'" "HO3'" sing N N 159 
U   "C2'" "O2'"  sing N N 160 
U   "C2'" "C1'"  sing N N 161 
U   "C2'" "H2'"  sing N N 162 
U   "O2'" "HO2'" sing N N 163 
U   "C1'" N1     sing N N 164 
U   "C1'" "H1'"  sing N N 165 
U   N1    C2     sing N N 166 
U   N1    C6     sing N N 167 
U   C2    O2     doub N N 168 
U   C2    N3     sing N N 169 
U   N3    C4     sing N N 170 
U   N3    H3     sing N N 171 
U   C4    O4     doub N N 172 
U   C4    C5     sing N N 173 
U   C5    C6     doub N N 174 
U   C5    H5     sing N N 175 
U   C6    H6     sing N N 176 
# 
loop_
_ndb_struct_conf_na.entry_id 
_ndb_struct_conf_na.feature 
1KOC 'double helix'         
1KOC 'bulge loop'           
1KOC 'mismatched base pair' 
# 
loop_
_ndb_struct_na_base_pair.model_number 
_ndb_struct_na_base_pair.i_label_asym_id 
_ndb_struct_na_base_pair.i_label_comp_id 
_ndb_struct_na_base_pair.i_label_seq_id 
_ndb_struct_na_base_pair.i_symmetry 
_ndb_struct_na_base_pair.j_label_asym_id 
_ndb_struct_na_base_pair.j_label_comp_id 
_ndb_struct_na_base_pair.j_label_seq_id 
_ndb_struct_na_base_pair.j_symmetry 
_ndb_struct_na_base_pair.shear 
_ndb_struct_na_base_pair.stretch 
_ndb_struct_na_base_pair.stagger 
_ndb_struct_na_base_pair.buckle 
_ndb_struct_na_base_pair.propeller 
_ndb_struct_na_base_pair.opening 
_ndb_struct_na_base_pair.pair_number 
_ndb_struct_na_base_pair.pair_name 
_ndb_struct_na_base_pair.i_auth_asym_id 
_ndb_struct_na_base_pair.i_auth_seq_id 
_ndb_struct_na_base_pair.i_PDB_ins_code 
_ndb_struct_na_base_pair.j_auth_asym_id 
_ndb_struct_na_base_pair.j_auth_seq_id 
_ndb_struct_na_base_pair.j_PDB_ins_code 
_ndb_struct_na_base_pair.hbond_type_28 
_ndb_struct_na_base_pair.hbond_type_12 
1 A A 1  1_555 B U 14 1_555 0.007  -0.176 -1.481 12.759  -21.931 27.453   1 A_A5:U40_B  A 5  ? B 40 ? ? ? 
1 A A 3  1_555 B C 13 1_555 -1.385 -0.526 1.121  -10.072 15.183  19.983   2 A_A7:C39_B  A 7  ? B 39 ? ? 1 
1 B G 8  1_555 B G 12 1_555 0.315  4.146  -0.531 -12.022 29.797  -125.176 3 B_G34:G38_B B 34 ? B 38 ? ? ? 
1 A G 6  1_555 B C 11 1_555 -0.858 0.141  -0.460 16.905  -0.165  13.368   4 A_G10:C37_B A 10 ? B 37 ? ? 1 
1 A A 7  1_555 B U 10 1_555 0.305  0.129  1.056  0.290   -11.702 16.500   5 A_A11:U36_B A 11 ? B 36 ? ? 1 
1 A G 8  1_555 B G 9  1_555 1.473  4.207  -0.343 -12.648 -2.561  -68.149  6 A_G12:G35_B A 12 ? B 35 ? 6 3 
1 A C 9  1_555 A G 5  1_555 -0.339 -3.619 0.532  36.797  -6.610  146.731  7 A_C13:G9_A  A 13 ? A 9  ? ? ? 
1 A G 10 1_555 B C 2  1_555 -0.091 -0.040 -0.953 0.450   -23.436 -11.344  8 A_G14:C28_B A 14 ? B 28 ? ? ? 
# 
loop_
_ndb_struct_na_base_pair_step.model_number 
_ndb_struct_na_base_pair_step.i_label_asym_id_1 
_ndb_struct_na_base_pair_step.i_label_comp_id_1 
_ndb_struct_na_base_pair_step.i_label_seq_id_1 
_ndb_struct_na_base_pair_step.i_symmetry_1 
_ndb_struct_na_base_pair_step.j_label_asym_id_1 
_ndb_struct_na_base_pair_step.j_label_comp_id_1 
_ndb_struct_na_base_pair_step.j_label_seq_id_1 
_ndb_struct_na_base_pair_step.j_symmetry_1 
_ndb_struct_na_base_pair_step.i_label_asym_id_2 
_ndb_struct_na_base_pair_step.i_label_comp_id_2 
_ndb_struct_na_base_pair_step.i_label_seq_id_2 
_ndb_struct_na_base_pair_step.i_symmetry_2 
_ndb_struct_na_base_pair_step.j_label_asym_id_2 
_ndb_struct_na_base_pair_step.j_label_comp_id_2 
_ndb_struct_na_base_pair_step.j_label_seq_id_2 
_ndb_struct_na_base_pair_step.j_symmetry_2 
_ndb_struct_na_base_pair_step.shift 
_ndb_struct_na_base_pair_step.slide 
_ndb_struct_na_base_pair_step.rise 
_ndb_struct_na_base_pair_step.tilt 
_ndb_struct_na_base_pair_step.roll 
_ndb_struct_na_base_pair_step.twist 
_ndb_struct_na_base_pair_step.x_displacement 
_ndb_struct_na_base_pair_step.y_displacement 
_ndb_struct_na_base_pair_step.helical_rise 
_ndb_struct_na_base_pair_step.inclination 
_ndb_struct_na_base_pair_step.tip 
_ndb_struct_na_base_pair_step.helical_twist 
_ndb_struct_na_base_pair_step.step_number 
_ndb_struct_na_base_pair_step.step_name 
_ndb_struct_na_base_pair_step.i_auth_asym_id_1 
_ndb_struct_na_base_pair_step.i_auth_seq_id_1 
_ndb_struct_na_base_pair_step.i_PDB_ins_code_1 
_ndb_struct_na_base_pair_step.j_auth_asym_id_1 
_ndb_struct_na_base_pair_step.j_auth_seq_id_1 
_ndb_struct_na_base_pair_step.j_PDB_ins_code_1 
_ndb_struct_na_base_pair_step.i_auth_asym_id_2 
_ndb_struct_na_base_pair_step.i_auth_seq_id_2 
_ndb_struct_na_base_pair_step.i_PDB_ins_code_2 
_ndb_struct_na_base_pair_step.j_auth_asym_id_2 
_ndb_struct_na_base_pair_step.j_auth_seq_id_2 
_ndb_struct_na_base_pair_step.j_PDB_ins_code_2 
1 A A 1 1_555 B U 14 1_555 A A 3 1_555 B C 13 1_555 -1.707 -0.237 5.825  -1.110   25.792   38.464   -4.282 2.011  4.818  34.796  
1.497   46.051   1 AA_A5A7:C39U40_BB   A 5  ? B 40 ? A 7  ? B 39 ? 
1 A A 3 1_555 B C 13 1_555 B G 8 1_555 B G 12 1_555 3.366  -0.594 0.630  -117.530 -114.010 -124.068 0.480  1.499  1.489  57.659  
-59.439 -172.396 2 AB_A7G34:G38C39_BB  A 7  ? B 39 ? B 34 ? B 38 ? 
1 B G 8 1_555 B G 12 1_555 A G 6 1_555 B C 11 1_555 1.074  2.540  -3.039 -151.099 -15.319  -132.492 -1.331 1.083  -2.275 7.776   
-76.693 -168.766 3 BA_G34G10:C37G38_BB B 34 ? B 38 ? A 10 ? B 37 ? 
1 A G 6 1_555 B C 11 1_555 A A 7 1_555 B U 10 1_555 -0.097 -2.073 3.413  -8.468   0.123    31.438   -3.723 -1.377 3.319  0.221   
15.284  32.531   4 AA_G10A11:U36C37_BB A 10 ? B 37 ? A 11 ? B 36 ? 
1 A A 7 1_555 B U 10 1_555 A G 8 1_555 B G 9  1_555 -0.713 -3.121 2.824  17.859   -4.053   72.150   -2.478 1.079  2.758  -3.388  
-14.930 74.131   5 AA_A11G12:G35U36_BB A 11 ? B 36 ? A 12 ? B 35 ? 
1 A G 8 1_555 B G 9  1_555 A C 9 1_555 A G 5  1_555 2.054  4.549  2.284  -10.146  30.416   -68.937  -4.185 1.531  0.751  -25.534 
-8.518  -75.184  6 AA_G12C13:G9G35_AB  A 12 ? B 35 ? A 13 ? A 9  ? 
# 
_atom_sites.entry_id                    1KOC 
_atom_sites.fract_transf_matrix[1][1]   1.000000 
_atom_sites.fract_transf_matrix[1][2]   0.000000 
_atom_sites.fract_transf_matrix[1][3]   0.000000 
_atom_sites.fract_transf_matrix[2][1]   0.000000 
_atom_sites.fract_transf_matrix[2][2]   1.000000 
_atom_sites.fract_transf_matrix[2][3]   0.000000 
_atom_sites.fract_transf_matrix[3][1]   0.000000 
_atom_sites.fract_transf_matrix[3][2]   0.000000 
_atom_sites.fract_transf_matrix[3][3]   1.000000 
_atom_sites.fract_transf_vector[1]      0.00000 
_atom_sites.fract_transf_vector[2]      0.00000 
_atom_sites.fract_transf_vector[3]      0.00000 
# 
loop_
_atom_type.symbol 
C 
H 
N 
O 
P 
# 
loop_
_atom_site.group_PDB 
_atom_site.id 
_atom_site.type_symbol 
_atom_site.label_atom_id 
_atom_site.label_alt_id 
_atom_site.label_comp_id 
_atom_site.label_asym_id 
_atom_site.label_entity_id 
_atom_site.label_seq_id 
_atom_site.pdbx_PDB_ins_code 
_atom_site.Cartn_x 
_atom_site.Cartn_y 
_atom_site.Cartn_z 
_atom_site.occupancy 
_atom_site.B_iso_or_equiv 
_atom_site.pdbx_formal_charge 
_atom_site.auth_seq_id 
_atom_site.auth_comp_id 
_atom_site.auth_asym_id 
_atom_site.auth_atom_id 
_atom_site.pdbx_PDB_model_num 
ATOM   1   P P     . A   A 1 1  ? -9.669  -5.759  -18.482 1.00 1.00 ? 5  A   A P     1 
ATOM   2   O OP1   . A   A 1 1  ? -8.676  -4.650  -18.400 1.00 1.00 ? 5  A   A OP1   1 
ATOM   3   O OP2   . A   A 1 1  ? -10.546 -5.765  -17.264 1.00 1.00 ? 5  A   A OP2   1 
ATOM   4   O "O5'" . A   A 1 1  ? -8.975  -7.190  -18.500 1.00 1.00 ? 5  A   A "O5'" 1 
ATOM   5   C "C5'" . A   A 1 1  ? -9.780  -8.368  -18.576 1.00 0.00 ? 5  A   A "C5'" 1 
ATOM   6   C "C4'" . A   A 1 1  ? -8.926  -9.636  -18.581 1.00 0.00 ? 5  A   A "C4'" 1 
ATOM   7   O "O4'" . A   A 1 1  ? -7.733  -9.461  -19.370 1.00 0.00 ? 5  A   A "O4'" 1 
ATOM   8   C "C3'" . A   A 1 1  ? -8.501  -10.019 -17.175 1.00 0.00 ? 5  A   A "C3'" 1 
ATOM   9   O "O3'" . A   A 1 1  ? -9.307  -11.094 -16.668 1.00 0.00 ? 5  A   A "O3'" 1 
ATOM   10  C "C2'" . A   A 1 1  ? -7.045  -10.408 -17.275 1.00 0.00 ? 5  A   A "C2'" 1 
ATOM   11  O "O2'" . A   A 1 1  ? -6.869  -11.812 -17.072 1.00 0.00 ? 5  A   A "O2'" 1 
ATOM   12  C "C1'" . A   A 1 1  ? -6.596  -10.014 -18.674 1.00 0.00 ? 5  A   A "C1'" 1 
ATOM   13  N N9    . A   A 1 1  ? -5.489  -9.042  -18.614 1.00 0.00 ? 5  A   A N9    1 
ATOM   14  C C8    . A   A 1 1  ? -5.433  -7.834  -18.007 1.00 0.00 ? 5  A   A C8    1 
ATOM   15  N N7    . A   A 1 1  ? -4.331  -7.168  -18.102 1.00 0.00 ? 5  A   A N7    1 
ATOM   16  C C5    . A   A 1 1  ? -3.545  -8.035  -18.867 1.00 0.00 ? 5  A   A C5    1 
ATOM   17  C C6    . A   A 1 1  ? -2.235  -7.948  -19.350 1.00 0.00 ? 5  A   A C6    1 
ATOM   18  N N6    . A   A 1 1  ? -1.443  -6.900  -19.124 1.00 0.00 ? 5  A   A N6    1 
ATOM   19  N N1    . A   A 1 1  ? -1.773  -8.983  -20.075 1.00 0.00 ? 5  A   A N1    1 
ATOM   20  C C2    . A   A 1 1  ? -2.551  -10.042 -20.313 1.00 0.00 ? 5  A   A C2    1 
ATOM   21  N N3    . A   A 1 1  ? -3.802  -10.226 -19.907 1.00 0.00 ? 5  A   A N3    1 
ATOM   22  C C4    . A   A 1 1  ? -4.242  -9.177  -19.184 1.00 0.00 ? 5  A   A C4    1 
ATOM   23  P P     . G   A 1 2  ? -9.360  -11.417 -15.088 1.00 0.00 ? 6  G   A P     1 
ATOM   24  O OP1   . G   A 1 2  ? -10.555 -12.253 -14.830 1.00 0.00 ? 6  G   A OP1   1 
ATOM   25  O OP2   . G   A 1 2  ? -9.175  -10.150 -14.346 1.00 0.00 ? 6  G   A OP2   1 
ATOM   26  O "O5'" . G   A 1 2  ? -8.051  -12.329 -14.865 1.00 0.00 ? 6  G   A "O5'" 1 
ATOM   27  C "C5'" . G   A 1 2  ? -8.052  -13.702 -15.271 1.00 0.00 ? 6  G   A "C5'" 1 
ATOM   28  C "C4'" . G   A 1 2  ? -6.689  -14.363 -15.075 1.00 0.00 ? 6  G   A "C4'" 1 
ATOM   29  O "O4'" . G   A 1 2  ? -5.672  -13.724 -15.870 1.00 0.00 ? 6  G   A "O4'" 1 
ATOM   30  C "C3'" . G   A 1 2  ? -6.249  -14.298 -13.623 1.00 0.00 ? 6  G   A "C3'" 1 
ATOM   31  O "O3'" . G   A 1 2  ? -6.448  -15.560 -12.972 1.00 0.00 ? 6  G   A "O3'" 1 
ATOM   32  C "C2'" . G   A 1 2  ? -4.787  -13.907 -13.652 1.00 0.00 ? 6  G   A "C2'" 1 
ATOM   33  O "O2'" . G   A 1 2  ? -3.960  -14.962 -13.159 1.00 0.00 ? 6  G   A "O2'" 1 
ATOM   34  C "C1'" . G   A 1 2  ? -4.455  -13.607 -15.105 1.00 0.00 ? 6  G   A "C1'" 1 
ATOM   35  N N9    . G   A 1 2  ? -3.861  -12.261 -15.240 1.00 0.00 ? 6  G   A N9    1 
ATOM   36  C C8    . G   A 1 2  ? -4.437  -11.041 -15.109 1.00 0.00 ? 6  G   A C8    1 
ATOM   37  N N7    . G   A 1 2  ? -3.687  -10.003 -15.285 1.00 0.00 ? 6  G   A N7    1 
ATOM   38  C C5    . G   A 1 2  ? -2.449  -10.587 -15.566 1.00 0.00 ? 6  G   A C5    1 
ATOM   39  C C6    . G   A 1 2  ? -1.196  -9.978  -15.854 1.00 0.00 ? 6  G   A C6    1 
ATOM   40  O O6    . G   A 1 2  ? -0.922  -8.781  -15.912 1.00 0.00 ? 6  G   A O6    1 
ATOM   41  N N1    . G   A 1 2  ? -0.206  -10.928 -16.077 1.00 0.00 ? 6  G   A N1    1 
ATOM   42  C C2    . G   A 1 2  ? -0.391  -12.295 -16.028 1.00 0.00 ? 6  G   A C2    1 
ATOM   43  N N2    . G   A 1 2  ? 0.685   -13.045 -16.262 1.00 0.00 ? 6  G   A N2    1 
ATOM   44  N N3    . G   A 1 2  ? -1.565  -12.875 -15.761 1.00 0.00 ? 6  G   A N3    1 
ATOM   45  C C4    . G   A 1 2  ? -2.547  -11.971 -15.541 1.00 0.00 ? 6  G   A C4    1 
ATOM   46  P P     . A   A 1 3  ? -6.491  -15.662 -11.363 1.00 0.00 ? 7  A   A P     1 
ATOM   47  O OP1   . A   A 1 3  ? -7.216  -16.899 -10.995 1.00 0.00 ? 7  A   A OP1   1 
ATOM   48  O OP2   . A   A 1 3  ? -6.940  -14.358 -10.826 1.00 0.00 ? 7  A   A OP2   1 
ATOM   49  O "O5'" . A   A 1 3  ? -4.938  -15.853 -10.978 1.00 0.00 ? 7  A   A "O5'" 1 
ATOM   50  C "C5'" . A   A 1 3  ? -4.268  -17.082 -11.277 1.00 0.00 ? 7  A   A "C5'" 1 
ATOM   51  C "C4'" . A   A 1 3  ? -2.770  -17.004 -10.984 1.00 0.00 ? 7  A   A "C4'" 1 
ATOM   52  O "O4'" . A   A 1 3  ? -2.103  -16.112 -11.904 1.00 0.00 ? 7  A   A "O4'" 1 
ATOM   53  C "C3'" . A   A 1 3  ? -2.512  -16.492 -9.570  1.00 0.00 ? 7  A   A "C3'" 1 
ATOM   54  O "O3'" . A   A 1 3  ? -1.894  -17.504 -8.748  1.00 0.00 ? 7  A   A "O3'" 1 
ATOM   55  C "C2'" . A   A 1 3  ? -1.623  -15.278 -9.722  1.00 0.00 ? 7  A   A "C2'" 1 
ATOM   56  O "O2'" . A   A 1 3  ? -0.490  -15.341 -8.850  1.00 0.00 ? 7  A   A "O2'" 1 
ATOM   57  C "C1'" . A   A 1 3  ? -1.194  -15.266 -11.177 1.00 0.00 ? 7  A   A "C1'" 1 
ATOM   58  N N9    . A   A 1 3  ? -1.163  -13.893 -11.717 1.00 0.00 ? 7  A   A N9    1 
ATOM   59  C C8    . A   A 1 3  ? -2.145  -12.965 -11.813 1.00 0.00 ? 7  A   A C8    1 
ATOM   60  N N7    . A   A 1 3  ? -1.826  -11.803 -12.281 1.00 0.00 ? 7  A   A N7    1 
ATOM   61  C C5    . A   A 1 3  ? -0.460  -11.970 -12.535 1.00 0.00 ? 7  A   A C5    1 
ATOM   62  C C6    . A   A 1 3  ? 0.525   -11.120 -13.050 1.00 0.00 ? 7  A   A C6    1 
ATOM   63  N N6    . A   A 1 3  ? 0.298   -9.844  -13.379 1.00 0.00 ? 7  A   A N6    1 
ATOM   64  N N1    . A   A 1 3  ? 1.769   -11.622 -13.170 1.00 0.00 ? 7  A   A N1    1 
ATOM   65  C C2    . A   A 1 3  ? 2.031   -12.868 -12.806 1.00 0.00 ? 7  A   A C2    1 
ATOM   66  N N3    . A   A 1 3  ? 1.184   -13.756 -12.308 1.00 0.00 ? 7  A   A N3    1 
ATOM   67  C C4    . A   A 1 3  ? -0.055  -13.240 -12.198 1.00 0.00 ? 7  A   A C4    1 
ATOM   68  P P     . A   A 1 4  ? -0.532  -18.267 -9.186  1.00 0.00 ? 8  A   A P     1 
ATOM   69  O OP1   . A   A 1 4  ? -0.212  -17.914 -10.588 1.00 0.00 ? 8  A   A OP1   1 
ATOM   70  O OP2   . A   A 1 4  ? -0.660  -19.690 -8.798  1.00 0.00 ? 8  A   A OP2   1 
ATOM   71  O "O5'" . A   A 1 4  ? 0.574   -17.587 -8.234  1.00 0.00 ? 8  A   A "O5'" 1 
ATOM   72  C "C5'" . A   A 1 4  ? 1.971   -17.773 -8.491  1.00 0.00 ? 8  A   A "C5'" 1 
ATOM   73  C "C4'" . A   A 1 4  ? 2.824   -17.466 -7.261  1.00 0.00 ? 8  A   A "C4'" 1 
ATOM   74  O "O4'" . A   A 1 4  ? 3.236   -16.084 -7.263  1.00 0.00 ? 8  A   A "O4'" 1 
ATOM   75  C "C3'" . A   A 1 4  ? 2.045   -17.729 -5.976  1.00 0.00 ? 8  A   A "C3'" 1 
ATOM   76  O "O3'" . A   A 1 4  ? 2.684   -18.733 -5.162  1.00 0.00 ? 8  A   A "O3'" 1 
ATOM   77  C "C2'" . A   A 1 4  ? 1.958   -16.404 -5.252  1.00 0.00 ? 8  A   A "C2'" 1 
ATOM   78  O "O2'" . A   A 1 4  ? 2.497   -16.497 -3.928  1.00 0.00 ? 8  A   A "O2'" 1 
ATOM   79  C "C1'" . A   A 1 4  ? 2.745   -15.408 -6.086  1.00 0.00 ? 8  A   A "C1'" 1 
ATOM   80  N N9    . A   A 1 4  ? 1.912   -14.248 -6.465  1.00 0.00 ? 8  A   A N9    1 
ATOM   81  C C8    . A   A 1 4  ? 1.734   -13.673 -7.679  1.00 0.00 ? 8  A   A C8    1 
ATOM   82  N N7    . A   A 1 4  ? 0.990   -12.619 -7.739  1.00 0.00 ? 8  A   A N7    1 
ATOM   83  C C5    . A   A 1 4  ? 0.620   -12.461 -6.400  1.00 0.00 ? 8  A   A C5    1 
ATOM   84  C C6    . A   A 1 4  ? -0.182  -11.521 -5.742  1.00 0.00 ? 8  A   A C6    1 
ATOM   85  N N6    . A   A 1 4  ? -0.771  -10.502 -6.367  1.00 0.00 ? 8  A   A N6    1 
ATOM   86  N N1    . A   A 1 4  ? -0.338  -11.663 -4.415  1.00 0.00 ? 8  A   A N1    1 
ATOM   87  C C2    . A   A 1 4  ? 0.254   -12.668 -3.768  1.00 0.00 ? 8  A   A C2    1 
ATOM   88  N N3    . A   A 1 4  ? 1.033   -13.610 -4.289  1.00 0.00 ? 8  A   A N3    1 
ATOM   89  C C4    . A   A 1 4  ? 1.175   -13.449 -5.619  1.00 0.00 ? 8  A   A C4    1 
ATOM   90  P P     . G   A 1 5  ? 4.276   -18.723 -4.855  1.00 0.00 ? 9  G   A P     1 
ATOM   91  O OP1   . G   A 1 5  ? 4.908   -19.779 -5.678  1.00 0.00 ? 9  G   A OP1   1 
ATOM   92  O OP2   . G   A 1 5  ? 4.459   -18.727 -3.387  1.00 0.00 ? 9  G   A OP2   1 
ATOM   93  O "O5'" . G   A 1 5  ? 4.759   -17.295 -5.420  1.00 0.00 ? 9  G   A "O5'" 1 
ATOM   94  C "C5'" . G   A 1 5  ? 5.734   -16.523 -4.716  1.00 0.00 ? 9  G   A "C5'" 1 
ATOM   95  C "C4'" . G   A 1 5  ? 6.608   -15.714 -5.671  1.00 0.00 ? 9  G   A "C4'" 1 
ATOM   96  O "O4'" . G   A 1 5  ? 6.104   -14.372 -5.815  1.00 0.00 ? 9  G   A "O4'" 1 
ATOM   97  C "C3'" . G   A 1 5  ? 8.026   -15.613 -5.135  1.00 0.00 ? 9  G   A "C3'" 1 
ATOM   98  O "O3'" . G   A 1 5  ? 8.978   -15.874 -6.170  1.00 0.00 ? 9  G   A "O3'" 1 
ATOM   99  C "C2'" . G   A 1 5  ? 8.163   -14.204 -4.628  1.00 0.00 ? 9  G   A "C2'" 1 
ATOM   100 O "O2'" . G   A 1 5  ? 9.467   -13.672 -4.880  1.00 0.00 ? 9  G   A "O2'" 1 
ATOM   101 C "C1'" . G   A 1 5  ? 7.104   -13.430 -5.375  1.00 0.00 ? 9  G   A "C1'" 1 
ATOM   102 N N9    . G   A 1 5  ? 6.516   -12.374 -4.558  1.00 0.00 ? 9  G   A N9    1 
ATOM   103 C C8    . G   A 1 5  ? 5.230   -12.186 -4.200  1.00 0.00 ? 9  G   A C8    1 
ATOM   104 N N7    . G   A 1 5  ? 4.937   -11.099 -3.566  1.00 0.00 ? 9  G   A N7    1 
ATOM   105 C C5    . G   A 1 5  ? 6.189   -10.480 -3.489  1.00 0.00 ? 9  G   A C5    1 
ATOM   106 C C6    . G   A 1 5  ? 6.557   -9.243  -2.912  1.00 0.00 ? 9  G   A C6    1 
ATOM   107 O O6    . G   A 1 5  ? 5.852   -8.419  -2.370  1.00 0.00 ? 9  G   A O6    1 
ATOM   108 N N1    . G   A 1 5  ? 7.901   -8.993  -3.042  1.00 0.00 ? 9  G   A N1    1 
ATOM   109 C C2    . G   A 1 5  ? 8.813   -9.822  -3.663  1.00 0.00 ? 9  G   A C2    1 
ATOM   110 N N2    . G   A 1 5  ? 10.072  -9.385  -3.731  1.00 0.00 ? 9  G   A N2    1 
ATOM   111 N N3    . G   A 1 5  ? 8.481   -10.994 -4.212  1.00 0.00 ? 9  G   A N3    1 
ATOM   112 C C4    . G   A 1 5  ? 7.158   -11.258 -4.089  1.00 0.00 ? 9  G   A C4    1 
ATOM   113 P P     . G   A 1 6  ? 9.139   -17.349 -6.794  1.00 0.00 ? 10 G   A P     1 
ATOM   114 O OP1   . G   A 1 6  ? 7.796   -17.855 -7.158  1.00 0.00 ? 10 G   A OP1   1 
ATOM   115 O OP2   . G   A 1 6  ? 10.010  -18.138 -5.895  1.00 0.00 ? 10 G   A OP2   1 
ATOM   116 O "O5'" . G   A 1 6  ? 9.949   -17.056 -8.152  1.00 0.00 ? 10 G   A "O5'" 1 
ATOM   117 C "C5'" . G   A 1 6  ? 11.265  -16.504 -8.100  1.00 0.00 ? 10 G   A "C5'" 1 
ATOM   118 C "C4'" . G   A 1 6  ? 11.273  -15.003 -8.395  1.00 0.00 ? 10 G   A "C4'" 1 
ATOM   119 O "O4'" . G   A 1 6  ? 10.079  -14.577 -9.092  1.00 0.00 ? 10 G   A "O4'" 1 
ATOM   120 C "C3'" . G   A 1 6  ? 11.361  -14.176 -7.111  1.00 0.00 ? 10 G   A "C3'" 1 
ATOM   121 O "O3'" . G   A 1 6  ? 12.673  -13.600 -6.970  1.00 0.00 ? 10 G   A "O3'" 1 
ATOM   122 C "C2'" . G   A 1 6  ? 10.283  -13.121 -7.245  1.00 0.00 ? 10 G   A "C2'" 1 
ATOM   123 O "O2'" . G   A 1 6  ? 10.769  -11.808 -6.983  1.00 0.00 ? 10 G   A "O2'" 1 
ATOM   124 C "C1'" . G   A 1 6  ? 9.792   -13.238 -8.665  1.00 0.00 ? 10 G   A "C1'" 1 
ATOM   125 N N9    . G   A 1 6  ? 8.369   -12.862 -8.776  1.00 0.00 ? 10 G   A N9    1 
ATOM   126 C C8    . G   A 1 6  ? 7.242   -13.461 -8.312  1.00 0.00 ? 10 G   A C8    1 
ATOM   127 N N7    . G   A 1 6  ? 6.120   -12.837 -8.494  1.00 0.00 ? 10 G   A N7    1 
ATOM   128 C C5    . G   A 1 6  ? 6.544   -11.675 -9.156  1.00 0.00 ? 10 G   A C5    1 
ATOM   129 C C6    . G   A 1 6  ? 5.798   -10.557 -9.634  1.00 0.00 ? 10 G   A C6    1 
ATOM   130 O O6    . G   A 1 6  ? 4.584   -10.360 -9.565  1.00 0.00 ? 10 G   A O6    1 
ATOM   131 N N1    . G   A 1 6  ? 6.630   -9.612  -10.236 1.00 0.00 ? 10 G   A N1    1 
ATOM   132 C C2    . G   A 1 6  ? 7.998   -9.727  -10.365 1.00 0.00 ? 10 G   A C2    1 
ATOM   133 N N2    . G   A 1 6  ? 8.622   -8.728  -10.983 1.00 0.00 ? 10 G   A N2    1 
ATOM   134 N N3    . G   A 1 6  ? 8.695   -10.765 -9.918  1.00 0.00 ? 10 G   A N3    1 
ATOM   135 C C4    . G   A 1 6  ? 7.917   -11.694 -9.329  1.00 0.00 ? 10 G   A C4    1 
ATOM   136 P P     . A   A 1 7  ? 13.110  -12.787 -5.639  1.00 0.00 ? 11 A   A P     1 
ATOM   137 O OP1   . A   A 1 7  ? 14.577  -12.907 -5.489  1.00 0.00 ? 11 A   A OP1   1 
ATOM   138 O OP2   . A   A 1 7  ? 12.221  -13.201 -4.530  1.00 0.00 ? 11 A   A OP2   1 
ATOM   139 O "O5'" . A   A 1 7  ? 12.768  -11.254 -6.012  1.00 0.00 ? 11 A   A "O5'" 1 
ATOM   140 C "C5'" . A   A 1 7  ? 13.465  -10.606 -7.080  1.00 0.00 ? 11 A   A "C5'" 1 
ATOM   141 C "C4'" . A   A 1 7  ? 12.783  -9.317  -7.545  1.00 0.00 ? 11 A   A "C4'" 1 
ATOM   142 O "O4'" . A   A 1 7  ? 11.426  -9.532  -7.982  1.00 0.00 ? 11 A   A "O4'" 1 
ATOM   143 C "C3'" . A   A 1 7  ? 12.724  -8.277  -6.443  1.00 0.00 ? 11 A   A "C3'" 1 
ATOM   144 O "O3'" . A   A 1 7  ? 13.875  -7.424  -6.467  1.00 0.00 ? 11 A   A "O3'" 1 
ATOM   145 C "C2'" . A   A 1 7  ? 11.448  -7.508  -6.701  1.00 0.00 ? 11 A   A "C2'" 1 
ATOM   146 O "O2'" . A   A 1 7  ? 11.723  -6.193  -7.195  1.00 0.00 ? 11 A   A "O2'" 1 
ATOM   147 C "C1'" . A   A 1 7  ? 10.674  -8.324  -7.733  1.00 0.00 ? 11 A   A "C1'" 1 
ATOM   148 N N9    . A   A 1 7  ? 9.308   -8.598  -7.249  1.00 0.00 ? 11 A   A N9    1 
ATOM   149 C C8    . A   A 1 7  ? 8.751   -9.736  -6.769  1.00 0.00 ? 11 A   A C8    1 
ATOM   150 N N7    . A   A 1 7  ? 7.509   -9.686  -6.416  1.00 0.00 ? 11 A   A N7    1 
ATOM   151 C C5    . A   A 1 7  ? 7.192   -8.352  -6.687  1.00 0.00 ? 11 A   A C5    1 
ATOM   152 C C6    . A   A 1 7  ? 6.018   -7.604  -6.540  1.00 0.00 ? 11 A   A C6    1 
ATOM   153 N N6    . A   A 1 7  ? 4.885   -8.108  -6.050  1.00 0.00 ? 11 A   A N6    1 
ATOM   154 N N1    . A   A 1 7  ? 6.061   -6.309  -6.907  1.00 0.00 ? 11 A   A N1    1 
ATOM   155 C C2    . A   A 1 7  ? 7.187   -5.778  -7.386  1.00 0.00 ? 11 A   A C2    1 
ATOM   156 N N3    . A   A 1 7  ? 8.348   -6.393  -7.565  1.00 0.00 ? 11 A   A N3    1 
ATOM   157 C C4    . A   A 1 7  ? 8.281   -7.686  -7.193  1.00 0.00 ? 11 A   A C4    1 
ATOM   158 P P     . G   A 1 8  ? 14.354  -6.656  -5.132  1.00 0.00 ? 12 G   A P     1 
ATOM   159 O OP1   . G   A 1 8  ? 15.760  -6.234  -5.319  1.00 0.00 ? 12 G   A OP1   1 
ATOM   160 O OP2   . G   A 1 8  ? 13.981  -7.480  -3.960  1.00 0.00 ? 12 G   A OP2   1 
ATOM   161 O "O5'" . G   A 1 8  ? 13.427  -5.342  -5.133  1.00 0.00 ? 12 G   A "O5'" 1 
ATOM   162 C "C5'" . G   A 1 8  ? 13.744  -4.238  -5.984  1.00 0.00 ? 12 G   A "C5'" 1 
ATOM   163 C "C4'" . G   A 1 8  ? 12.806  -3.059  -5.757  1.00 0.00 ? 12 G   A "C4'" 1 
ATOM   164 O "O4'" . G   A 1 8  ? 11.467  -3.365  -6.191  1.00 0.00 ? 12 G   A "O4'" 1 
ATOM   165 C "C3'" . G   A 1 8  ? 12.731  -2.689  -4.284  1.00 0.00 ? 12 G   A "C3'" 1 
ATOM   166 O "O3'" . G   A 1 8  ? 13.594  -1.586  -3.970  1.00 0.00 ? 12 G   A "O3'" 1 
ATOM   167 C "C2'" . G   A 1 8  ? 11.286  -2.336  -4.034  1.00 0.00 ? 12 G   A "C2'" 1 
ATOM   168 O "O2'" . G   A 1 8  ? 11.132  -0.926  -3.856  1.00 0.00 ? 12 G   A "O2'" 1 
ATOM   169 C "C1'" . G   A 1 8  ? 10.521  -2.798  -5.262  1.00 0.00 ? 12 G   A "C1'" 1 
ATOM   170 N N9    . G   A 1 8  ? 9.469   -3.759  -4.894  1.00 0.00 ? 12 G   A N9    1 
ATOM   171 C C8    . G   A 1 8  ? 9.559   -5.002  -4.369  1.00 0.00 ? 12 G   A C8    1 
ATOM   172 N N7    . G   A 1 8  ? 8.452   -5.617  -4.094  1.00 0.00 ? 12 G   A N7    1 
ATOM   173 C C5    . G   A 1 8  ? 7.499   -4.669  -4.485  1.00 0.00 ? 12 G   A C5    1 
ATOM   174 C C6    . G   A 1 8  ? 6.076   -4.721  -4.445  1.00 0.00 ? 12 G   A C6    1 
ATOM   175 O O6    . G   A 1 8  ? 5.357   -5.635  -4.055  1.00 0.00 ? 12 G   A O6    1 
ATOM   176 N N1    . G   A 1 8  ? 5.513   -3.549  -4.937  1.00 0.00 ? 12 G   A N1    1 
ATOM   177 C C2    . G   A 1 8  ? 6.222   -2.474  -5.408  1.00 0.00 ? 12 G   A C2    1 
ATOM   178 N N2    . G   A 1 8  ? 5.504   -1.468  -5.865  1.00 0.00 ? 12 G   A N2    1 
ATOM   179 N N3    . G   A 1 8  ? 7.548   -2.413  -5.446  1.00 0.00 ? 12 G   A N3    1 
ATOM   180 C C4    . G   A 1 8  ? 8.121   -3.534  -4.976  1.00 0.00 ? 12 G   A C4    1 
ATOM   181 P P     . C   A 1 9  ? 14.041  -1.302  -2.444  1.00 0.00 ? 13 C   A P     1 
ATOM   182 O OP1   . C   A 1 9  ? 15.422  -0.768  -2.462  1.00 0.00 ? 13 C   A OP1   1 
ATOM   183 O OP2   . C   A 1 9  ? 13.727  -2.502  -1.635  1.00 0.00 ? 13 C   A OP2   1 
ATOM   184 O "O5'" . C   A 1 9  ? 13.049  -0.112  -1.993  1.00 0.00 ? 13 C   A "O5'" 1 
ATOM   185 C "C5'" . C   A 1 9  ? 12.374  -0.149  -0.726  1.00 0.00 ? 13 C   A "C5'" 1 
ATOM   186 C "C4'" . C   A 1 9  ? 10.934  0.343   -0.850  1.00 0.00 ? 13 C   A "C4'" 1 
ATOM   187 O "O4'" . C   A 1 9  ? 10.162  -0.564  -1.660  1.00 0.00 ? 13 C   A "O4'" 1 
ATOM   188 C "C3'" . C   A 1 9  ? 10.266  0.445   0.515   1.00 0.00 ? 13 C   A "C3'" 1 
ATOM   189 O "O3'" . C   A 1 9  ? 9.959   1.810   0.839   1.00 0.00 ? 13 C   A "O3'" 1 
ATOM   190 C "C2'" . C   A 1 9  ? 9.006   -0.383  0.426   1.00 0.00 ? 13 C   A "C2'" 1 
ATOM   191 O "O2'" . C   A 1 9  ? 7.846   0.397   0.732   1.00 0.00 ? 13 C   A "O2'" 1 
ATOM   192 C "C1'" . C   A 1 9  ? 8.935   -0.910  -0.993  1.00 0.00 ? 13 C   A "C1'" 1 
ATOM   193 N N1    . C   A 1 9  ? 8.711   -2.371  -0.992  1.00 0.00 ? 13 C   A N1    1 
ATOM   194 C C2    . C   A 1 9  ? 7.419   -2.822  -1.222  1.00 0.00 ? 13 C   A C2    1 
ATOM   195 O O2    . C   A 1 9  ? 6.513   -2.021  -1.446  1.00 0.00 ? 13 C   A O2    1 
ATOM   196 N N3    . C   A 1 9  ? 7.191   -4.162  -1.194  1.00 0.00 ? 13 C   A N3    1 
ATOM   197 C C4    . C   A 1 9  ? 8.185   -5.025  -0.947  1.00 0.00 ? 13 C   A C4    1 
ATOM   198 N N4    . C   A 1 9  ? 7.922   -6.331  -0.915  1.00 0.00 ? 13 C   A N4    1 
ATOM   199 C C5    . C   A 1 9  ? 9.517   -4.564  -0.711  1.00 0.00 ? 13 C   A C5    1 
ATOM   200 C C6    . C   A 1 9  ? 9.734   -3.235  -0.743  1.00 0.00 ? 13 C   A C6    1 
ATOM   201 P P     . G   A 1 10 ? 9.868   2.296   2.375   1.00 0.00 ? 14 G   A P     1 
ATOM   202 O OP1   . G   A 1 10 ? 9.714   3.770   2.381   1.00 0.00 ? 14 G   A OP1   1 
ATOM   203 O OP2   . G   A 1 10 ? 10.978  1.671   3.127   1.00 0.00 ? 14 G   A OP2   1 
ATOM   204 O "O5'" . G   A 1 10 ? 8.484   1.638   2.882   1.00 0.00 ? 14 G   A "O5'" 1 
ATOM   205 C "C5'" . G   A 1 10 ? 7.292   2.426   3.001   1.00 0.00 ? 14 G   A "C5'" 1 
ATOM   206 C "C4'" . G   A 1 10 ? 6.258   1.766   3.915   1.00 0.00 ? 14 G   A "C4'" 1 
ATOM   207 O "O4'" . G   A 1 10 ? 5.793   0.521   3.354   1.00 0.00 ? 14 G   A "O4'" 1 
ATOM   208 C "C3'" . G   A 1 10 ? 6.848   1.477   5.285   1.00 0.00 ? 14 G   A "C3'" 1 
ATOM   209 O "O3'" . G   A 1 10 ? 6.277   2.333   6.282   1.00 0.00 ? 14 G   A "O3'" 1 
ATOM   210 C "C2'" . G   A 1 10 ? 6.549   0.026   5.577   1.00 0.00 ? 14 G   A "C2'" 1 
ATOM   211 O "O2'" . G   A 1 10 ? 5.637   -0.104  6.672   1.00 0.00 ? 14 G   A "O2'" 1 
ATOM   212 C "C1'" . G   A 1 10 ? 5.948   -0.552  4.308   1.00 0.00 ? 14 G   A "C1'" 1 
ATOM   213 N N9    . G   A 1 10 ? 6.819   -1.610  3.762   1.00 0.00 ? 14 G   A N9    1 
ATOM   214 C C8    . G   A 1 10 ? 8.009   -1.494  3.134   1.00 0.00 ? 14 G   A C8    1 
ATOM   215 N N7    . G   A 1 10 ? 8.593   -2.576  2.748   1.00 0.00 ? 14 G   A N7    1 
ATOM   216 C C5    . G   A 1 10 ? 7.687   -3.553  3.164   1.00 0.00 ? 14 G   A C5    1 
ATOM   217 C C6    . G   A 1 10 ? 7.754   -4.965  3.030   1.00 0.00 ? 14 G   A C6    1 
ATOM   218 O O6    . G   A 1 10 ? 8.638   -5.637  2.511   1.00 0.00 ? 14 G   A O6    1 
ATOM   219 N N1    . G   A 1 10 ? 6.640   -5.583  3.581   1.00 0.00 ? 14 G   A N1    1 
ATOM   220 C C2    . G   A 1 10 ? 5.586   -4.928  4.190   1.00 0.00 ? 14 G   A C2    1 
ATOM   221 N N2    . G   A 1 10 ? 4.604   -5.697  4.659   1.00 0.00 ? 14 G   A N2    1 
ATOM   222 N N3    . G   A 1 10 ? 5.516   -3.596  4.320   1.00 0.00 ? 14 G   A N3    1 
ATOM   223 C C4    . G   A 1 10 ? 6.594   -2.973  3.788   1.00 0.00 ? 14 G   A C4    1 
ATOM   224 P P     . U   A 1 11 ? 7.084   2.660   7.639   1.00 0.00 ? 15 U   A P     1 
ATOM   225 O OP1   . U   A 1 11 ? 6.610   3.964   8.157   1.00 0.00 ? 15 U   A OP1   1 
ATOM   226 O OP2   . U   A 1 11 ? 8.526   2.447   7.386   1.00 0.00 ? 15 U   A OP2   1 
ATOM   227 O "O5'" . U   A 1 11 ? 6.572   1.504   8.637   1.00 0.00 ? 15 U   A "O5'" 1 
ATOM   228 C "C5'" . U   A 1 11 ? 5.333   1.647   9.337   1.00 0.00 ? 15 U   A "C5'" 1 
ATOM   229 C "C4'" . U   A 1 11 ? 4.983   0.394   10.137  1.00 0.00 ? 15 U   A "C4'" 1 
ATOM   230 O "O4'" . U   A 1 11 ? 4.865   -0.752  9.272   1.00 0.00 ? 15 U   A "O4'" 1 
ATOM   231 C "C3'" . U   A 1 11 ? 6.050   0.091   11.179  1.00 0.00 ? 15 U   A "C3'" 1 
ATOM   232 O "O3'" . U   A 1 11 ? 5.554   0.328   12.502  1.00 0.00 ? 15 U   A "O3'" 1 
ATOM   233 C "C2'" . U   A 1 11 ? 6.422   -1.362  10.994  1.00 0.00 ? 15 U   A "C2'" 1 
ATOM   234 O "O2'" . U   A 1 11 ? 6.134   -2.119  12.173  1.00 0.00 ? 15 U   A "O2'" 1 
ATOM   235 C "C1'" . U   A 1 11 ? 5.601   -1.866  9.814   1.00 0.00 ? 15 U   A "C1'" 1 
ATOM   236 N N1    . U   A 1 11 ? 6.470   -2.478  8.785   1.00 0.00 ? 15 U   A N1    1 
ATOM   237 C C2    . U   A 1 11 ? 6.216   -3.794  8.430   1.00 0.00 ? 15 U   A C2    1 
ATOM   238 O O2    . U   A 1 11 ? 5.304   -4.446  8.934   1.00 0.00 ? 15 U   A O2    1 
ATOM   239 N N3    . U   A 1 11 ? 7.051   -4.335  7.469   1.00 0.00 ? 15 U   A N3    1 
ATOM   240 C C4    . U   A 1 11 ? 8.100   -3.688  6.838   1.00 0.00 ? 15 U   A C4    1 
ATOM   241 O O4    . U   A 1 11 ? 8.776   -4.268  5.992   1.00 0.00 ? 15 U   A O4    1 
ATOM   242 C C5    . U   A 1 11 ? 8.291   -2.322  7.268   1.00 0.00 ? 15 U   A C5    1 
ATOM   243 C C6    . U   A 1 11 ? 7.490   -1.767  8.207   1.00 0.00 ? 15 U   A C6    1 
ATOM   244 P P     . A   B 2 1  ? 15.429  -13.262 4.438   1.00 1.00 ? 27 A   B P     1 
ATOM   245 O OP1   . A   B 2 1  ? 15.415  -14.623 3.831   1.00 1.00 ? 27 A   B OP1   1 
ATOM   246 O OP2   . A   B 2 1  ? 16.745  -13.005 5.111   1.00 1.00 ? 27 A   B OP2   1 
ATOM   247 O "O5'" . A   B 2 1  ? 14.339  -13.101 5.584   1.00 1.00 ? 27 A   B "O5'" 1 
ATOM   248 C "C5'" . A   B 2 1  ? 14.214  -11.854 6.276   1.00 0.00 ? 27 A   B "C5'" 1 
ATOM   249 C "C4'" . A   B 2 1  ? 13.114  -11.909 7.333   1.00 0.00 ? 27 A   B "C4'" 1 
ATOM   250 O "O4'" . A   B 2 1  ? 13.246  -10.819 8.268   1.00 0.00 ? 27 A   B "O4'" 1 
ATOM   251 C "C3'" . A   B 2 1  ? 11.739  -11.820 6.687   1.00 0.00 ? 27 A   B "C3'" 1 
ATOM   252 O "O3'" . A   B 2 1  ? 11.023  -13.054 6.840   1.00 0.00 ? 27 A   B "O3'" 1 
ATOM   253 C "C2'" . A   B 2 1  ? 11.020  -10.686 7.376   1.00 0.00 ? 27 A   B "C2'" 1 
ATOM   254 O "O2'" . A   B 2 1  ? 9.869   -11.162 8.081   1.00 0.00 ? 27 A   B "O2'" 1 
ATOM   255 C "C1'" . A   B 2 1  ? 12.018  -10.062 8.341   1.00 0.00 ? 27 A   B "C1'" 1 
ATOM   256 N N9    . A   B 2 1  ? 12.260  -8.643  8.003   1.00 0.00 ? 27 A   B N9    1 
ATOM   257 C C8    . A   B 2 1  ? 13.347  -8.065  7.434   1.00 0.00 ? 27 A   B C8    1 
ATOM   258 N N7    . A   B 2 1  ? 13.307  -6.792  7.231   1.00 0.00 ? 27 A   B N7    1 
ATOM   259 C C5    . A   B 2 1  ? 12.041  -6.464  7.722   1.00 0.00 ? 27 A   B C5    1 
ATOM   260 C C6    . A   B 2 1  ? 11.345  -5.254  7.812   1.00 0.00 ? 27 A   B C6    1 
ATOM   261 N N6    . A   B 2 1  ? 11.841  -4.094  7.379   1.00 0.00 ? 27 A   B N6    1 
ATOM   262 N N1    . A   B 2 1  ? 10.114  -5.285  8.352   1.00 0.00 ? 27 A   B N1    1 
ATOM   263 C C2    . A   B 2 1  ? 9.593   -6.437  8.777   1.00 0.00 ? 27 A   B C2    1 
ATOM   264 N N3    . A   B 2 1  ? 10.161  -7.640  8.739   1.00 0.00 ? 27 A   B N3    1 
ATOM   265 C C4    . A   B 2 1  ? 11.395  -7.584  8.195   1.00 0.00 ? 27 A   B C4    1 
ATOM   266 P P     . C   B 2 2  ? 10.735  -14.009 5.573   1.00 0.00 ? 28 C   B P     1 
ATOM   267 O OP1   . C   B 2 2  ? 10.968  -15.411 5.989   1.00 0.00 ? 28 C   B OP1   1 
ATOM   268 O OP2   . C   B 2 2  ? 11.453  -13.460 4.400   1.00 0.00 ? 28 C   B OP2   1 
ATOM   269 O "O5'" . C   B 2 2  ? 9.152   -13.807 5.333   1.00 0.00 ? 28 C   B "O5'" 1 
ATOM   270 C "C5'" . C   B 2 2  ? 8.201   -14.686 5.944   1.00 0.00 ? 28 C   B "C5'" 1 
ATOM   271 C "C4'" . C   B 2 2  ? 6.861   -13.993 6.189   1.00 0.00 ? 28 C   B "C4'" 1 
ATOM   272 O "O4'" . C   B 2 2  ? 7.031   -12.566 6.301   1.00 0.00 ? 28 C   B "O4'" 1 
ATOM   273 C "C3'" . C   B 2 2  ? 5.893   -14.267 5.049   1.00 0.00 ? 28 C   B "C3'" 1 
ATOM   274 O "O3'" . C   B 2 2  ? 4.815   -15.102 5.487   1.00 0.00 ? 28 C   B "O3'" 1 
ATOM   275 C "C2'" . C   B 2 2  ? 5.387   -12.920 4.586   1.00 0.00 ? 28 C   B "C2'" 1 
ATOM   276 O "O2'" . C   B 2 2  ? 3.975   -12.803 4.790   1.00 0.00 ? 28 C   B "O2'" 1 
ATOM   277 C "C1'" . C   B 2 2  ? 6.136   -11.878 5.403   1.00 0.00 ? 28 C   B "C1'" 1 
ATOM   278 N N1    . C   B 2 2  ? 6.886   -10.949 4.532   1.00 0.00 ? 28 C   B N1    1 
ATOM   279 C C2    . C   B 2 2  ? 6.795   -9.591  4.812   1.00 0.00 ? 28 C   B C2    1 
ATOM   280 O O2    . C   B 2 2  ? 6.092   -9.197  5.743   1.00 0.00 ? 28 C   B O2    1 
ATOM   281 N N3    . C   B 2 2  ? 7.498   -8.723  4.035   1.00 0.00 ? 28 C   B N3    1 
ATOM   282 C C4    . C   B 2 2  ? 8.256   -9.164  3.026   1.00 0.00 ? 28 C   B C4    1 
ATOM   283 N N4    . C   B 2 2  ? 8.933   -8.286  2.289   1.00 0.00 ? 28 C   B N4    1 
ATOM   284 C C5    . C   B 2 2  ? 8.352   -10.561 2.732   1.00 0.00 ? 28 C   B C5    1 
ATOM   285 C C6    . C   B 2 2  ? 7.653   -11.412 3.504   1.00 0.00 ? 28 C   B C6    1 
ATOM   286 P P     . A   B 2 3  ? 4.020   -16.029 4.440   1.00 0.00 ? 29 A   B P     1 
ATOM   287 O OP1   . A   B 2 3  ? 2.749   -16.451 5.068   1.00 0.00 ? 29 A   B OP1   1 
ATOM   288 O OP2   . A   B 2 3  ? 4.957   -17.045 3.913   1.00 0.00 ? 29 A   B OP2   1 
ATOM   289 O "O5'" . A   B 2 3  ? 3.676   -14.992 3.255   1.00 0.00 ? 29 A   B "O5'" 1 
ATOM   290 C "C5'" . A   B 2 3  ? 3.484   -15.449 1.916   1.00 0.00 ? 29 A   B "C5'" 1 
ATOM   291 C "C4'" . A   B 2 3  ? 2.921   -14.346 1.027   1.00 0.00 ? 29 A   B "C4'" 1 
ATOM   292 O "O4'" . A   B 2 3  ? 3.810   -13.206 0.990   1.00 0.00 ? 29 A   B "O4'" 1 
ATOM   293 C "C3'" . A   B 2 3  ? 2.749   -14.847 -0.404  1.00 0.00 ? 29 A   B "C3'" 1 
ATOM   294 O "O3'" . A   B 2 3  ? 1.460   -14.487 -0.931  1.00 0.00 ? 29 A   B "O3'" 1 
ATOM   295 C "C2'" . A   B 2 3  ? 3.842   -14.164 -1.182  1.00 0.00 ? 29 A   B "C2'" 1 
ATOM   296 O "O2'" . A   B 2 3  ? 3.428   -13.829 -2.504  1.00 0.00 ? 29 A   B "O2'" 1 
ATOM   297 C "C1'" . A   B 2 3  ? 4.168   -12.925 -0.377  1.00 0.00 ? 29 A   B "C1'" 1 
ATOM   298 N N9    . A   B 2 3  ? 5.582   -12.539 -0.498  1.00 0.00 ? 29 A   B N9    1 
ATOM   299 C C8    . A   B 2 3  ? 6.673   -13.281 -0.800  1.00 0.00 ? 29 A   B C8    1 
ATOM   300 N N7    . A   B 2 3  ? 7.815   -12.676 -0.833  1.00 0.00 ? 29 A   B N7    1 
ATOM   301 C C5    . A   B 2 3  ? 7.443   -11.363 -0.519  1.00 0.00 ? 29 A   B C5    1 
ATOM   302 C C6    . A   B 2 3  ? 8.167   -10.172 -0.385  1.00 0.00 ? 29 A   B C6    1 
ATOM   303 N N6    . A   B 2 3  ? 9.487   -10.097 -0.552  1.00 0.00 ? 29 A   B N6    1 
ATOM   304 N N1    . A   B 2 3  ? 7.476   -9.059  -0.073  1.00 0.00 ? 29 A   B N1    1 
ATOM   305 C C2    . A   B 2 3  ? 6.151   -9.109  0.093   1.00 0.00 ? 29 A   B C2    1 
ATOM   306 N N3    . A   B 2 3  ? 5.375   -10.179 -0.005  1.00 0.00 ? 29 A   B N3    1 
ATOM   307 C C4    . A   B 2 3  ? 6.087   -11.277 -0.316  1.00 0.00 ? 29 A   B C4    1 
ATOM   308 P P     . G   B 2 4  ? 0.105   -14.691 -0.077  1.00 0.00 ? 30 G   B P     1 
ATOM   309 O OP1   . G   B 2 4  ? 0.107   -16.066 0.474   1.00 0.00 ? 30 G   B OP1   1 
ATOM   310 O OP2   . G   B 2 4  ? -1.034  -14.229 -0.900  1.00 0.00 ? 30 G   B OP2   1 
ATOM   311 O "O5'" . G   B 2 4  ? 0.292   -13.658 1.152   1.00 0.00 ? 30 G   B "O5'" 1 
ATOM   312 C "C5'" . G   B 2 4  ? 0.206   -12.240 0.950   1.00 0.00 ? 30 G   B "C5'" 1 
ATOM   313 C "C4'" . G   B 2 4  ? 0.512   -11.475 2.241   1.00 0.00 ? 30 G   B "C4'" 1 
ATOM   314 O "O4'" . G   B 2 4  ? 1.837   -10.904 2.206   1.00 0.00 ? 30 G   B "O4'" 1 
ATOM   315 C "C3'" . G   B 2 4  ? -0.484  -10.345 2.458   1.00 0.00 ? 30 G   B "C3'" 1 
ATOM   316 O "O3'" . G   B 2 4  ? -1.349  -10.636 3.561   1.00 0.00 ? 30 G   B "O3'" 1 
ATOM   317 C "C2'" . G   B 2 4  ? 0.332   -9.100  2.718   1.00 0.00 ? 30 G   B "C2'" 1 
ATOM   318 O "O2'" . G   B 2 4  ? 0.092   -8.592  4.036   1.00 0.00 ? 30 G   B "O2'" 1 
ATOM   319 C "C1'" . G   B 2 4  ? 1.792   -9.499  2.547   1.00 0.00 ? 30 G   B "C1'" 1 
ATOM   320 N N9    . G   B 2 4  ? 2.431   -8.679  1.497   1.00 0.00 ? 30 G   B N9    1 
ATOM   321 C C8    . G   B 2 4  ? 2.907   -7.409  1.555   1.00 0.00 ? 30 G   B C8    1 
ATOM   322 N N7    . G   B 2 4  ? 3.346   -6.882  0.468   1.00 0.00 ? 30 G   B N7    1 
ATOM   323 C C5    . G   B 2 4  ? 3.162   -7.920  -0.440  1.00 0.00 ? 30 G   B C5    1 
ATOM   324 C C6    . G   B 2 4  ? 3.464   -7.972  -1.817  1.00 0.00 ? 30 G   B C6    1 
ATOM   325 O O6    . G   B 2 4  ? 3.878   -7.069  -2.538  1.00 0.00 ? 30 G   B O6    1 
ATOM   326 N N1    . G   B 2 4  ? 3.158   -9.207  -2.358  1.00 0.00 ? 30 G   B N1    1 
ATOM   327 C C2    . G   B 2 4  ? 2.596   -10.257 -1.673  1.00 0.00 ? 30 G   B C2    1 
ATOM   328 N N2    . G   B 2 4  ? 2.346   -11.352 -2.386  1.00 0.00 ? 30 G   B N2    1 
ATOM   329 N N3    . G   B 2 4  ? 2.293   -10.218 -0.374  1.00 0.00 ? 30 G   B N3    1 
ATOM   330 C C4    . G   B 2 4  ? 2.607   -9.027  0.181   1.00 0.00 ? 30 G   B C4    1 
ATOM   331 P P     . G   B 2 5  ? -2.950  -10.574 3.392   1.00 0.00 ? 31 G   B P     1 
ATOM   332 O OP1   . G   B 2 5  ? -3.548  -11.594 4.281   1.00 0.00 ? 31 G   B OP1   1 
ATOM   333 O OP2   . G   B 2 5  ? -3.266  -10.580 1.945   1.00 0.00 ? 31 G   B OP2   1 
ATOM   334 O "O5'" . G   B 2 5  ? -3.309  -9.117  3.985   1.00 0.00 ? 31 G   B "O5'" 1 
ATOM   335 C "C5'" . G   B 2 5  ? -3.923  -8.123  3.157   1.00 0.00 ? 31 G   B "C5'" 1 
ATOM   336 C "C4'" . G   B 2 5  ? -3.659  -6.707  3.679   1.00 0.00 ? 31 G   B "C4'" 1 
ATOM   337 O "O4'" . G   B 2 5  ? -2.251  -6.458  3.798   1.00 0.00 ? 31 G   B "O4'" 1 
ATOM   338 C "C3'" . G   B 2 5  ? -4.229  -5.660  2.737   1.00 0.00 ? 31 G   B "C3'" 1 
ATOM   339 O "O3'" . G   B 2 5  ? -5.354  -5.005  3.327   1.00 0.00 ? 31 G   B "O3'" 1 
ATOM   340 C "C2'" . G   B 2 5  ? -3.112  -4.698  2.473   1.00 0.00 ? 31 G   B "C2'" 1 
ATOM   341 O "O2'" . G   B 2 5  ? -3.490  -3.346  2.678   1.00 0.00 ? 31 G   B "O2'" 1 
ATOM   342 C "C1'" . G   B 2 5  ? -1.976  -5.113  3.381   1.00 0.00 ? 31 G   B "C1'" 1 
ATOM   343 N N9    . G   B 2 5  ? -0.746  -5.021  2.627   1.00 0.00 ? 31 G   B N9    1 
ATOM   344 C C8    . G   B 2 5  ? -0.584  -5.272  1.330   1.00 0.00 ? 31 G   B C8    1 
ATOM   345 N N7    . G   B 2 5  ? 0.551   -4.969  0.792   1.00 0.00 ? 31 G   B N7    1 
ATOM   346 C C5    . G   B 2 5  ? 1.239   -4.429  1.889   1.00 0.00 ? 31 G   B C5    1 
ATOM   347 C C6    . G   B 2 5  ? 2.553   -3.898  1.978   1.00 0.00 ? 31 G   B C6    1 
ATOM   348 O O6    . G   B 2 5  ? 3.393   -3.789  1.091   1.00 0.00 ? 31 G   B O6    1 
ATOM   349 N N1    . G   B 2 5  ? 2.842   -3.468  3.266   1.00 0.00 ? 31 G   B N1    1 
ATOM   350 C C2    . G   B 2 5  ? 1.980   -3.537  4.340   1.00 0.00 ? 31 G   B C2    1 
ATOM   351 N N2    . G   B 2 5  ? 2.442   -3.067  5.496   1.00 0.00 ? 31 G   B N2    1 
ATOM   352 N N3    . G   B 2 5  ? 0.744   -4.035  4.266   1.00 0.00 ? 31 G   B N3    1 
ATOM   353 C C4    . G   B 2 5  ? 0.441   -4.460  3.020   1.00 0.00 ? 31 G   B C4    1 
ATOM   354 P P     . U   B 2 6  ? -6.795  -5.722  3.390   1.00 0.00 ? 32 U   B P     1 
ATOM   355 O OP1   . U   B 2 6  ? -7.146  -5.933  4.813   1.00 0.00 ? 32 U   B OP1   1 
ATOM   356 O OP2   . U   B 2 6  ? -6.794  -6.865  2.449   1.00 0.00 ? 32 U   B OP2   1 
ATOM   357 O "O5'" . U   B 2 6  ? -7.757  -4.580  2.797   1.00 0.00 ? 32 U   B "O5'" 1 
ATOM   358 C "C5'" . U   B 2 6  ? -7.215  -3.556  1.961   1.00 0.00 ? 32 U   B "C5'" 1 
ATOM   359 C "C4'" . U   B 2 6  ? -7.290  -2.186  2.621   1.00 0.00 ? 32 U   B "C4'" 1 
ATOM   360 O "O4'" . U   B 2 6  ? -6.551  -2.143  3.869   1.00 0.00 ? 32 U   B "O4'" 1 
ATOM   361 C "C3'" . U   B 2 6  ? -6.706  -1.118  1.704   1.00 0.00 ? 32 U   B "C3'" 1 
ATOM   362 O "O3'" . U   B 2 6  ? -7.715  -0.156  1.351   1.00 0.00 ? 32 U   B "O3'" 1 
ATOM   363 C "C2'" . U   B 2 6  ? -5.593  -0.479  2.498   1.00 0.00 ? 32 U   B "C2'" 1 
ATOM   364 O "O2'" . U   B 2 6  ? -5.581  0.937   2.348   1.00 0.00 ? 32 U   B "O2'" 1 
ATOM   365 C "C1'" . U   B 2 6  ? -5.846  -0.890  3.928   1.00 0.00 ? 32 U   B "C1'" 1 
ATOM   366 N N1    . U   B 2 6  ? -4.583  -0.959  4.689   1.00 0.00 ? 32 U   B N1    1 
ATOM   367 C C2    . U   B 2 6  ? -4.253  0.133   5.476   1.00 0.00 ? 32 U   B C2    1 
ATOM   368 O O2    . U   B 2 6  ? -5.005  1.096   5.613   1.00 0.00 ? 32 U   B O2    1 
ATOM   369 N N3    . U   B 2 6  ? -3.020  0.081   6.099   1.00 0.00 ? 32 U   B N3    1 
ATOM   370 C C4    . U   B 2 6  ? -2.102  -0.950  6.001   1.00 0.00 ? 32 U   B C4    1 
ATOM   371 O O4    . U   B 2 6  ? -1.033  -0.899  6.607   1.00 0.00 ? 32 U   B O4    1 
ATOM   372 C C5    . U   B 2 6  ? -2.534  -2.042  5.159   1.00 0.00 ? 32 U   B C5    1 
ATOM   373 C C6    . U   B 2 6  ? -3.739  -2.014  4.554   1.00 0.00 ? 32 U   B C6    1 
ATOM   374 P P     . A   B 2 7  ? -7.811  0.448   -0.141  1.00 0.00 ? 33 A   B P     1 
ATOM   375 O OP1   . A   B 2 7  ? -7.979  1.916   -0.033  1.00 0.00 ? 33 A   B OP1   1 
ATOM   376 O OP2   . A   B 2 7  ? -8.791  -0.353  -0.910  1.00 0.00 ? 33 A   B OP2   1 
ATOM   377 O "O5'" . A   B 2 7  ? -6.350  0.149   -0.737  1.00 0.00 ? 33 A   B "O5'" 1 
ATOM   378 C "C5'" . A   B 2 7  ? -5.339  1.160   -0.737  1.00 0.00 ? 33 A   B "C5'" 1 
ATOM   379 C "C4'" . A   B 2 7  ? -4.116  0.718   -1.528  1.00 0.00 ? 33 A   B "C4'" 1 
ATOM   380 O "O4'" . A   B 2 7  ? -3.259  -0.139  -0.742  1.00 0.00 ? 33 A   B "O4'" 1 
ATOM   381 C "C3'" . A   B 2 7  ? -4.520  -0.069  -2.756  1.00 0.00 ? 33 A   B "C3'" 1 
ATOM   382 O "O3'" . A   B 2 7  ? -4.653  0.763   -3.910  1.00 0.00 ? 33 A   B "O3'" 1 
ATOM   383 C "C2'" . A   B 2 7  ? -3.438  -1.090  -2.932  1.00 0.00 ? 33 A   B "C2'" 1 
ATOM   384 O "O2'" . A   B 2 7  ? -2.460  -0.642  -3.875  1.00 0.00 ? 33 A   B "O2'" 1 
ATOM   385 C "C1'" . A   B 2 7  ? -2.827  -1.259  -1.550  1.00 0.00 ? 33 A   B "C1'" 1 
ATOM   386 N N9    . A   B 2 7  ? -3.272  -2.544  -0.984  1.00 0.00 ? 33 A   B N9    1 
ATOM   387 C C8    . A   B 2 7  ? -4.042  -2.815  0.102   1.00 0.00 ? 33 A   B C8    1 
ATOM   388 N N7    . A   B 2 7  ? -4.374  -4.047  0.297   1.00 0.00 ? 33 A   B N7    1 
ATOM   389 C C5    . A   B 2 7  ? -3.743  -4.685  -0.775  1.00 0.00 ? 33 A   B C5    1 
ATOM   390 C C6    . A   B 2 7  ? -3.674  -6.023  -1.176  1.00 0.00 ? 33 A   B C6    1 
ATOM   391 N N6    . A   B 2 7  ? -4.276  -7.015  -0.518  1.00 0.00 ? 33 A   B N6    1 
ATOM   392 N N1    . A   B 2 7  ? -2.963  -6.298  -2.285  1.00 0.00 ? 33 A   B N1    1 
ATOM   393 C C2    . A   B 2 7  ? -2.352  -5.318  -2.956  1.00 0.00 ? 33 A   B C2    1 
ATOM   394 N N3    . A   B 2 7  ? -2.353  -4.028  -2.663  1.00 0.00 ? 33 A   B N3    1 
ATOM   395 C C4    . A   B 2 7  ? -3.069  -3.778  -1.552  1.00 0.00 ? 33 A   B C4    1 
ATOM   396 P P     . G   B 2 8  ? -5.772  0.416   -5.015  1.00 0.00 ? 34 G   B P     1 
ATOM   397 O OP1   . G   B 2 8  ? -5.856  1.550   -5.958  1.00 0.00 ? 34 G   B OP1   1 
ATOM   398 O OP2   . G   B 2 8  ? -6.991  -0.048  -4.311  1.00 0.00 ? 34 G   B OP2   1 
ATOM   399 O "O5'" . G   B 2 8  ? -5.124  -0.850  -5.777  1.00 0.00 ? 34 G   B "O5'" 1 
ATOM   400 C "C5'" . G   B 2 8  ? -4.946  -0.851  -7.198  1.00 0.00 ? 34 G   B "C5'" 1 
ATOM   401 C "C4'" . G   B 2 8  ? -3.527  -0.436  -7.582  1.00 0.00 ? 34 G   B "C4'" 1 
ATOM   402 O "O4'" . G   B 2 8  ? -2.586  -1.495  -7.312  1.00 0.00 ? 34 G   B "O4'" 1 
ATOM   403 C "C3'" . G   B 2 8  ? -3.435  -0.103  -9.073  1.00 0.00 ? 34 G   B "C3'" 1 
ATOM   404 O "O3'" . G   B 2 8  ? -3.065  1.276   -9.302  1.00 0.00 ? 34 G   B "O3'" 1 
ATOM   405 C "C2'" . G   B 2 8  ? -2.379  -1.040  -9.628  1.00 0.00 ? 34 G   B "C2'" 1 
ATOM   406 O "O2'" . G   B 2 8  ? -1.456  -0.353  -10.471 1.00 0.00 ? 34 G   B "O2'" 1 
ATOM   407 C "C1'" . G   B 2 8  ? -1.680  -1.638  -8.416  1.00 0.00 ? 34 G   B "C1'" 1 
ATOM   408 N N9    . G   B 2 8  ? -1.301  -3.045  -8.640  1.00 0.00 ? 34 G   B N9    1 
ATOM   409 C C8    . G   B 2 8  ? -1.625  -4.148  -7.934  1.00 0.00 ? 34 G   B C8    1 
ATOM   410 N N7    . G   B 2 8  ? -1.141  -5.276  -8.323  1.00 0.00 ? 34 G   B N7    1 
ATOM   411 C C5    . G   B 2 8  ? -0.382  -4.890  -9.427  1.00 0.00 ? 34 G   B C5    1 
ATOM   412 C C6    . G   B 2 8  ? 0.417   -5.673  -10.294 1.00 0.00 ? 34 G   B C6    1 
ATOM   413 O O6    . G   B 2 8  ? 0.577   -6.889  -10.281 1.00 0.00 ? 34 G   B O6    1 
ATOM   414 N N1    . G   B 2 8  ? 1.032   -4.894  -11.263 1.00 0.00 ? 34 G   B N1    1 
ATOM   415 C C2    . G   B 2 8  ? 0.886   -3.525  -11.394 1.00 0.00 ? 34 G   B C2    1 
ATOM   416 N N2    . G   B 2 8  ? 1.572   -2.943  -12.377 1.00 0.00 ? 34 G   B N2    1 
ATOM   417 N N3    . G   B 2 8  ? 0.127   -2.783  -10.585 1.00 0.00 ? 34 G   B N3    1 
ATOM   418 C C4    . G   B 2 8  ? -0.473  -3.522  -9.628  1.00 0.00 ? 34 G   B C4    1 
ATOM   419 P P     . G   B 2 9  ? -3.455  2.461   -8.272  1.00 0.00 ? 35 G   B P     1 
ATOM   420 O OP1   . G   B 2 9  ? -4.921  2.447   -8.082  1.00 0.00 ? 35 G   B OP1   1 
ATOM   421 O OP2   . G   B 2 9  ? -2.779  3.698   -8.722  1.00 0.00 ? 35 G   B OP2   1 
ATOM   422 O "O5'" . G   B 2 9  ? -2.739  1.961   -6.905  1.00 0.00 ? 35 G   B "O5'" 1 
ATOM   423 C "C5'" . G   B 2 9  ? -1.926  2.839   -6.106  1.00 0.00 ? 35 G   B "C5'" 1 
ATOM   424 C "C4'" . G   B 2 9  ? -0.470  2.908   -6.592  1.00 0.00 ? 35 G   B "C4'" 1 
ATOM   425 O "O4'" . G   B 2 9  ? 0.436   2.246   -5.664  1.00 0.00 ? 35 G   B "O4'" 1 
ATOM   426 C "C3'" . G   B 2 9  ? -0.299  2.234   -7.953  1.00 0.00 ? 35 G   B "C3'" 1 
ATOM   427 O "O3'" . G   B 2 9  ? 0.327   3.145   -8.877  1.00 0.00 ? 35 G   B "O3'" 1 
ATOM   428 C "C2'" . G   B 2 9  ? 0.551   1.024   -7.672  1.00 0.00 ? 35 G   B "C2'" 1 
ATOM   429 O "O2'" . G   B 2 9  ? 1.437   0.715   -8.749  1.00 0.00 ? 35 G   B "O2'" 1 
ATOM   430 C "C1'" . G   B 2 9  ? 1.285   1.350   -6.411  1.00 0.00 ? 35 G   B "C1'" 1 
ATOM   431 N N9    . G   B 2 9  ? 1.672   0.133   -5.676  1.00 0.00 ? 35 G   B N9    1 
ATOM   432 C C8    . G   B 2 9  ? 2.917   -0.243  -5.319  1.00 0.00 ? 35 G   B C8    1 
ATOM   433 N N7    . G   B 2 9  ? 3.103   -1.434  -4.930  1.00 0.00 ? 35 G   B N7    1 
ATOM   434 C C5    . G   B 2 9  ? 1.845   -1.959  -5.024  1.00 0.00 ? 35 G   B C5    1 
ATOM   435 C C6    . G   B 2 9  ? 1.441   -3.257  -4.748  1.00 0.00 ? 35 G   B C6    1 
ATOM   436 O O6    . G   B 2 9  ? 2.155   -4.203  -4.435  1.00 0.00 ? 35 G   B O6    1 
ATOM   437 N N1    . G   B 2 9  ? 0.085   -3.410  -4.954  1.00 0.00 ? 35 G   B N1    1 
ATOM   438 C C2    . G   B 2 9  ? -0.776  -2.426  -5.369  1.00 0.00 ? 35 G   B C2    1 
ATOM   439 N N2    . G   B 2 9  ? -2.065  -2.766  -5.382  1.00 0.00 ? 35 G   B N2    1 
ATOM   440 N N3    . G   B 2 9  ? -0.393  -1.175  -5.658  1.00 0.00 ? 35 G   B N3    1 
ATOM   441 C C4    . G   B 2 9  ? 0.934   -1.014  -5.465  1.00 0.00 ? 35 G   B C4    1 
ATOM   442 P P     . U   B 2 10 ? 0.604   2.767   -10.424 1.00 0.00 ? 36 U   B P     1 
ATOM   443 O OP1   . U   B 2 10 ? 0.293   3.955   -11.250 1.00 0.00 ? 36 U   B OP1   1 
ATOM   444 O OP2   . U   B 2 10 ? -0.039  1.475   -10.728 1.00 0.00 ? 36 U   B OP2   1 
ATOM   445 O "O5'" . U   B 2 10 ? 2.203   2.551   -10.431 1.00 0.00 ? 36 U   B "O5'" 1 
ATOM   446 C "C5'" . U   B 2 10 ? 2.972   2.719   -9.226  1.00 0.00 ? 36 U   B "C5'" 1 
ATOM   447 C "C4'" . U   B 2 10 ? 4.081   1.668   -9.114  1.00 0.00 ? 36 U   B "C4'" 1 
ATOM   448 O "O4'" . U   B 2 10 ? 3.846   0.689   -8.076  1.00 0.00 ? 36 U   B "O4'" 1 
ATOM   449 C "C3'" . U   B 2 10 ? 4.175   0.856   -10.378 1.00 0.00 ? 36 U   B "C3'" 1 
ATOM   450 O "O3'" . U   B 2 10 ? 4.910   1.489   -11.435 1.00 0.00 ? 36 U   B "O3'" 1 
ATOM   451 C "C2'" . U   B 2 10 ? 4.902   -0.372  -9.921  1.00 0.00 ? 36 U   B "C2'" 1 
ATOM   452 O "O2'" . U   B 2 10 ? 6.310   -0.239  -10.131 1.00 0.00 ? 36 U   B "O2'" 1 
ATOM   453 C "C1'" . U   B 2 10 ? 4.611   -0.482  -8.441  1.00 0.00 ? 36 U   B "C1'" 1 
ATOM   454 N N1    . U   B 2 10 ? 3.964   -1.791  -8.169  1.00 0.00 ? 36 U   B N1    1 
ATOM   455 C C2    . U   B 2 10 ? 4.807   -2.896  -8.135  1.00 0.00 ? 36 U   B C2    1 
ATOM   456 O O2    . U   B 2 10 ? 6.023   -2.801  -8.304  1.00 0.00 ? 36 U   B O2    1 
ATOM   457 N N3    . U   B 2 10 ? 4.207   -4.117  -7.907  1.00 0.00 ? 36 U   B N3    1 
ATOM   458 C C4    . U   B 2 10 ? 2.860   -4.332  -7.699  1.00 0.00 ? 36 U   B C4    1 
ATOM   459 O O4    . U   B 2 10 ? 2.426   -5.464  -7.482  1.00 0.00 ? 36 U   B O4    1 
ATOM   460 C C5    . U   B 2 10 ? 2.062   -3.136  -7.752  1.00 0.00 ? 36 U   B C5    1 
ATOM   461 C C6    . U   B 2 10 ? 2.609   -1.935  -7.987  1.00 0.00 ? 36 U   B C6    1 
ATOM   462 P P     . C   B 2 11 ? 4.924   0.836   -12.918 1.00 0.00 ? 37 C   B P     1 
ATOM   463 O OP1   . C   B 2 11 ? 5.646   1.762   -13.824 1.00 0.00 ? 37 C   B OP1   1 
ATOM   464 O OP2   . C   B 2 11 ? 3.546   0.411   -13.249 1.00 0.00 ? 37 C   B OP2   1 
ATOM   465 O "O5'" . C   B 2 11 ? 5.822   -0.495  -12.728 1.00 0.00 ? 37 C   B "O5'" 1 
ATOM   466 C "C5'" . C   B 2 11 ? 7.242   -0.402  -12.591 1.00 0.00 ? 37 C   B "C5'" 1 
ATOM   467 C "C4'" . C   B 2 11 ? 7.869   -1.701  -12.068 1.00 0.00 ? 37 C   B "C4'" 1 
ATOM   468 O "O4'" . C   B 2 11 ? 7.050   -2.335  -11.062 1.00 0.00 ? 37 C   B "O4'" 1 
ATOM   469 C "C3'" . C   B 2 11 ? 8.075   -2.730  -13.166 1.00 0.00 ? 37 C   B "C3'" 1 
ATOM   470 O "O3'" . C   B 2 11 ? 9.406   -2.670  -13.690 1.00 0.00 ? 37 C   B "O3'" 1 
ATOM   471 C "C2'" . C   B 2 11 ? 7.810   -4.066  -12.512 1.00 0.00 ? 37 C   B "C2'" 1 
ATOM   472 O "O2'" . C   B 2 11 ? 8.998   -4.856  -12.441 1.00 0.00 ? 37 C   B "O2'" 1 
ATOM   473 C "C1'" . C   B 2 11 ? 7.297   -3.752  -11.118 1.00 0.00 ? 37 C   B "C1'" 1 
ATOM   474 N N1    . C   B 2 11 ? 6.109   -4.575  -10.813 1.00 0.00 ? 37 C   B N1    1 
ATOM   475 C C2    . C   B 2 11 ? 6.343   -5.922  -10.600 1.00 0.00 ? 37 C   B C2    1 
ATOM   476 O O2    . C   B 2 11 ? 7.477   -6.377  -10.709 1.00 0.00 ? 37 C   B O2    1 
ATOM   477 N N3    . C   B 2 11 ? 5.298   -6.716  -10.276 1.00 0.00 ? 37 C   B N3    1 
ATOM   478 C C4    . C   B 2 11 ? 4.068   -6.218  -10.158 1.00 0.00 ? 37 C   B C4    1 
ATOM   479 N N4    . C   B 2 11 ? 3.076   -7.041  -9.820  1.00 0.00 ? 37 C   B N4    1 
ATOM   480 C C5    . C   B 2 11 ? 3.814   -4.820  -10.378 1.00 0.00 ? 37 C   B C5    1 
ATOM   481 C C6    . C   B 2 11 ? 4.859   -4.044  -10.706 1.00 0.00 ? 37 C   B C6    1 
ATOM   482 P P     . G   B 2 12 ? 9.723   -3.176  -15.188 1.00 0.00 ? 38 G   B P     1 
ATOM   483 O OP1   . G   B 2 12 ? 11.185  -3.084  -15.403 1.00 0.00 ? 38 G   B OP1   1 
ATOM   484 O OP2   . G   B 2 12 ? 8.799   -2.485  -16.113 1.00 0.00 ? 38 G   B OP2   1 
ATOM   485 O "O5'" . G   B 2 12 ? 9.315   -4.736  -15.140 1.00 0.00 ? 38 G   B "O5'" 1 
ATOM   486 C "C5'" . G   B 2 12 ? 10.225  -5.719  -14.632 1.00 0.00 ? 38 G   B "C5'" 1 
ATOM   487 C "C4'" . G   B 2 12 ? 9.642   -7.130  -14.702 1.00 0.00 ? 38 G   B "C4'" 1 
ATOM   488 O "O4'" . G   B 2 12 ? 8.577   -7.329  -13.746 1.00 0.00 ? 38 G   B "O4'" 1 
ATOM   489 C "C3'" . G   B 2 12 ? 9.080   -7.426  -16.085 1.00 0.00 ? 38 G   B "C3'" 1 
ATOM   490 O "O3'" . G   B 2 12 ? 9.950   -8.330  -16.791 1.00 0.00 ? 38 G   B "O3'" 1 
ATOM   491 C "C2'" . G   B 2 12 ? 7.703   -8.006  -15.853 1.00 0.00 ? 38 G   B "C2'" 1 
ATOM   492 O "O2'" . G   B 2 12 ? 7.559   -9.272  -16.480 1.00 0.00 ? 38 G   B "O2'" 1 
ATOM   493 C "C1'" . G   B 2 12 ? 7.558   -8.143  -14.355 1.00 0.00 ? 38 G   B "C1'" 1 
ATOM   494 N N9    . G   B 2 12 ? 6.205   -7.776  -13.903 1.00 0.00 ? 38 G   B N9    1 
ATOM   495 C C8    . G   B 2 12 ? 5.537   -6.598  -13.968 1.00 0.00 ? 38 G   B C8    1 
ATOM   496 N N7    . G   B 2 12 ? 4.326   -6.574  -13.516 1.00 0.00 ? 38 G   B N7    1 
ATOM   497 C C5    . G   B 2 12 ? 4.154   -7.897  -13.096 1.00 0.00 ? 38 G   B C5    1 
ATOM   498 C C6    . G   B 2 12 ? 3.028   -8.532  -12.504 1.00 0.00 ? 38 G   B C6    1 
ATOM   499 O O6    . G   B 2 12 ? 1.929   -8.043  -12.241 1.00 0.00 ? 38 G   B O6    1 
ATOM   500 N N1    . G   B 2 12 ? 3.287   -9.876  -12.238 1.00 0.00 ? 38 G   B N1    1 
ATOM   501 C C2    . G   B 2 12 ? 4.470   -10.525 -12.508 1.00 0.00 ? 38 G   B C2    1 
ATOM   502 N N2    . G   B 2 12 ? 4.524   -11.809 -12.170 1.00 0.00 ? 38 G   B N2    1 
ATOM   503 N N3    . G   B 2 12 ? 5.526   -9.937  -13.063 1.00 0.00 ? 38 G   B N3    1 
ATOM   504 C C4    . G   B 2 12 ? 5.303   -8.633  -13.330 1.00 0.00 ? 38 G   B C4    1 
ATOM   505 P P     . C   B 2 13 ? 9.742   -8.670  -18.357 1.00 0.00 ? 39 C   B P     1 
ATOM   506 O OP1   . C   B 2 13 ? 11.039  -9.118  -18.910 1.00 0.00 ? 39 C   B OP1   1 
ATOM   507 O OP2   . C   B 2 13 ? 9.026   -7.536  -18.984 1.00 0.00 ? 39 C   B OP2   1 
ATOM   508 O "O5'" . C   B 2 13 ? 8.741   -9.936  -18.325 1.00 0.00 ? 39 C   B "O5'" 1 
ATOM   509 C "C5'" . C   B 2 13 ? 9.093   -11.131 -17.613 1.00 0.00 ? 39 C   B "C5'" 1 
ATOM   510 C "C4'" . C   B 2 13 ? 7.900   -12.081 -17.462 1.00 0.00 ? 39 C   B "C4'" 1 
ATOM   511 O "O4'" . C   B 2 13 ? 7.000   -11.661 -16.407 1.00 0.00 ? 39 C   B "O4'" 1 
ATOM   512 C "C3'" . C   B 2 13 ? 7.094   -12.157 -18.747 1.00 0.00 ? 39 C   B "C3'" 1 
ATOM   513 O "O3'" . C   B 2 13 ? 7.370   -13.370 -19.467 1.00 0.00 ? 39 C   B "O3'" 1 
ATOM   514 C "C2'" . C   B 2 13 ? 5.650   -12.080 -18.328 1.00 0.00 ? 39 C   B "C2'" 1 
ATOM   515 O "O2'" . C   B 2 13 ? 4.963   -13.270 -18.660 1.00 0.00 ? 39 C   B "O2'" 1 
ATOM   516 C "C1'" . C   B 2 13 ? 5.635   -11.885 -16.829 1.00 0.00 ? 39 C   B "C1'" 1 
ATOM   517 N N1    . C   B 2 13 ? 4.735   -10.768 -16.463 1.00 0.00 ? 39 C   B N1    1 
ATOM   518 C C2    . C   B 2 13 ? 3.553   -11.084 -15.808 1.00 0.00 ? 39 C   B C2    1 
ATOM   519 O O2    . C   B 2 13 ? 3.300   -12.252 -15.515 1.00 0.00 ? 39 C   B O2    1 
ATOM   520 N N3    . C   B 2 13 ? 2.694   -10.075 -15.502 1.00 0.00 ? 39 C   B N3    1 
ATOM   521 C C4    . C   B 2 13 ? 2.984   -8.807  -15.816 1.00 0.00 ? 39 C   B C4    1 
ATOM   522 N N4    . C   B 2 13 ? 2.106   -7.845  -15.522 1.00 0.00 ? 39 C   B N4    1 
ATOM   523 C C5    . C   B 2 13 ? 4.208   -8.478  -16.484 1.00 0.00 ? 39 C   B C5    1 
ATOM   524 C C6    . C   B 2 13 ? 5.043   -9.486  -16.788 1.00 0.00 ? 39 C   B C6    1 
ATOM   525 P P     . U   B 2 14 ? 6.923   -13.546 -21.012 1.00 0.00 ? 40 U   B P     1 
ATOM   526 O OP1   . U   B 2 14 ? 7.707   -14.658 -21.593 1.00 0.00 ? 40 U   B OP1   1 
ATOM   527 O OP2   . U   B 2 14 ? 6.953   -12.213 -21.655 1.00 0.00 ? 40 U   B OP2   1 
ATOM   528 O "O5'" . U   B 2 14 ? 5.379   -14.018 -20.904 1.00 0.00 ? 40 U   B "O5'" 1 
ATOM   529 C "C5'" . U   B 2 14 ? 5.053   -15.361 -20.518 1.00 0.00 ? 40 U   B "C5'" 1 
ATOM   530 C "C4'" . U   B 2 14 ? 3.575   -15.521 -20.142 1.00 0.00 ? 40 U   B "C4'" 1 
ATOM   531 O "O4'" . U   B 2 14 ? 3.170   -14.509 -19.200 1.00 0.00 ? 40 U   B "O4'" 1 
ATOM   532 C "C3'" . U   B 2 14 ? 2.667   -15.415 -21.359 1.00 0.00 ? 40 U   B "C3'" 1 
ATOM   533 O "O3'" . U   B 2 14 ? 2.116   -16.696 -21.690 1.00 0.00 ? 40 U   B "O3'" 1 
ATOM   534 C "C2'" . U   B 2 14 ? 1.577   -14.435 -20.989 1.00 0.00 ? 40 U   B "C2'" 1 
ATOM   535 O "O2'" . U   B 2 14 ? 0.293   -15.068 -20.997 1.00 0.00 ? 40 U   B "O2'" 1 
ATOM   536 C "C1'" . U   B 2 14 ? 1.920   -13.920 -19.597 1.00 0.00 ? 40 U   B "C1'" 1 
ATOM   537 N N1    . U   B 2 14 ? 1.977   -12.439 -19.593 1.00 0.00 ? 40 U   B N1    1 
ATOM   538 C C2    . U   B 2 14 ? 0.830   -11.762 -19.207 1.00 0.00 ? 40 U   B C2    1 
ATOM   539 O O2    . U   B 2 14 ? -0.204  -12.348 -18.890 1.00 0.00 ? 40 U   B O2    1 
ATOM   540 N N3    . U   B 2 14 ? 0.907   -10.381 -19.215 1.00 0.00 ? 40 U   B N3    1 
ATOM   541 C C4    . U   B 2 14 ? 2.012   -9.628  -19.569 1.00 0.00 ? 40 U   B C4    1 
ATOM   542 O O4    . U   B 2 14 ? 1.970   -8.400  -19.538 1.00 0.00 ? 40 U   B O4    1 
ATOM   543 C C5    . U   B 2 14 ? 3.160   -10.412 -19.959 1.00 0.00 ? 40 U   B C5    1 
ATOM   544 C C6    . U   B 2 14 ? 3.113   -11.767 -19.959 1.00 0.00 ? 40 U   B C6    1 
HETATM 545 N N     . ARG C 3 .  ? -0.899  1.141   0.349   1.00 0.00 ? 1  ARG B N     1 
HETATM 546 C CA    . ARG C 3 .  ? 0.000   0.000   0.000   1.00 0.00 ? 1  ARG B CA    1 
HETATM 547 C C     . ARG C 3 .  ? 1.220   0.015   0.942   1.00 0.00 ? 1  ARG B C     1 
HETATM 548 O O     . ARG C 3 .  ? 1.422   -0.973  1.633   1.00 0.00 ? 1  ARG B O     1 
HETATM 549 C CB    . ARG C 3 .  ? 0.444   0.137   -1.481  1.00 0.00 ? 1  ARG B CB    1 
HETATM 550 C CG    . ARG C 3 .  ? 1.796   -0.545  -1.718  1.00 0.00 ? 1  ARG B CG    1 
HETATM 551 C CD    . ARG C 3 .  ? 1.671   -2.039  -1.440  1.00 0.00 ? 1  ARG B CD    1 
HETATM 552 N NE    . ARG C 3 .  ? 2.891   -2.749  -1.924  1.00 0.00 ? 1  ARG B NE    1 
HETATM 553 C CZ    . ARG C 3 .  ? 3.036   -4.035  -1.713  1.00 0.00 ? 1  ARG B CZ    1 
HETATM 554 N NH1   . ARG C 3 .  ? 1.998   -4.833  -1.756  1.00 0.00 ? 1  ARG B NH1   1 
HETATM 555 N NH2   . ARG C 3 .  ? 4.221   -4.525  -1.462  1.00 0.00 ? 1  ARG B NH2   1 
HETATM 556 O OXT   . ARG C 3 .  ? 1.923   1.014   0.967   1.00 0.00 ? 1  ARG B OXT   1 
HETATM 557 H HA    . ARG C 3 .  ? -0.546  -0.934  0.133   1.00 0.00 ? 1  ARG B HA    1 
HETATM 558 H HE    . ARG C 3 .  ? 3.587   -2.251  -2.405  1.00 0.00 ? 1  ARG B HE    1 
# 
